data_7S8V
#
_entry.id   7S8V
#
_cell.length_a   1.00
_cell.length_b   1.00
_cell.length_c   1.00
_cell.angle_alpha   90.00
_cell.angle_beta   90.00
_cell.angle_gamma   90.00
#
_symmetry.space_group_name_H-M   'P 1'
#
loop_
_entity.id
_entity.type
_entity.pdbx_description
1 polymer 'Insulin-like growth factor 1 receptor'
2 polymer 'Insulin receptor'
3 branched 2-acetamido-2-deoxy-beta-D-glucopyranose-(1-4)-2-acetamido-2-deoxy-beta-D-glucopyranose
4 branched beta-D-mannopyranose-(1-4)-2-acetamido-2-deoxy-beta-D-glucopyranose-(1-4)-2-acetamido-2-deoxy-beta-D-glucopyranose
5 non-polymer 2-acetamido-2-deoxy-beta-D-glucopyranose
#
loop_
_entity_poly.entity_id
_entity_poly.type
_entity_poly.pdbx_seq_one_letter_code
_entity_poly.pdbx_strand_id
1 'polypeptide(L)'
;EICGPGIDIRNDYQQLKRLENCTVIEGYLHILLISKAEDYRSYRFPKLTVITEYLLLFRVAGLESLGDLFPNLTVIRGWK
LFYNYALVIFEMTNLKDIGLYNLRNITRGAIRIEKNADLCYLSTVDWSLILDAVSNNYIVGNKPPKECGDLCPGTMEEKP
MCEKTTINNEYNYRCWTTNRCQKMCPSTCGKRACTENNECCHPECLGSCSAPDNDTACVACRHYYYAGVCVPACPPNTYR
FEGWRCVDRDFCANILSAESSDSEGFVIHDGECMQECPSGFIRNGSQSMYCIPCEGPCPKVCEEEKKTKTIDSVTSAQML
QGCTIFKGNLLINIRRGNNIASELENFMGLIEVVTGYVKIRHSHALVSLSFLKNLRLILGEEQLEGNYSFYVLDNQNLQQ
LWDWDHRNLTIKAGKMYFAFNPKLCVSEIYRMEEVTGTKGRQSKGDINTRNNGERASCESDVLHFTSTTTSKNRIIITWH
RYRPPDYRDLISFTVYYKEAPFKNVTEYDGQDACGSNSWNMVDVDLPPNKDVEPGILLHGLKPWTQYAVYVKAVTLTMVE
NDHIRGAKSEILYIRTNASVPSIPLDVLSASNSSSQLIVKWNPPSLPNGNLSYYIVRWQRQPQDGYLYRHNYCSKDKIPI
RKYADGTIDIEEVTENPKTEVCGGEKGPCCACPKTEAEKQAEKEEAEYRKVFENFLHNSIFVPRPERKRRDVMQVANTTM
SSRSRNTTAADTYNITDPEELETEYPFFESRVDNKERTVISNLRPFTLYRIDIHSCNHEAEKLGCSASNFVFARTMPAEG
ADDIPGPVTWEPRPENSIFLKWPEPENPNGLILMYEIKYGSQVEDQRECVSRQEYRKYGGAKLNRLNPGNYTARIQATSL
SGNGSWTDPVFFYVQAKTGYENFIHRMKQLEDKVEELLSKNYHLENEVARLKKLVGERSSSEQKLISEEDLN
;
A
2 'polypeptide(L)'
;HLYPGEVCPGMDIRNNLTRLHELENCSVIEGHLQILLMFKTRPEDFRDLSFPKLIMITDYLLLFRVYGLESLKDLFPNLT
VIRGSRLFFNYALVIFEMVHLKELGLYNLMNITRGSVRIEKNNELCYLATIDWSRILDSVEDNYIVLNKDDNEECGDICP
GTAKGKTNCPATVINGQFVERCWTHSHCQKVCPTICKSHGCTAEGLCCHSECLGNCSQPDDPTKCVACRNFYLDGRCVET
CPPPYYHFQDWRCVNFSFCQDLHHKCKNSRRQGCHQYVIHNNKCIPECPSGYTMNSSNLLCTPCLGPCPKVCHLLEGEKT
IDSVTSAQELRGCTVINGSLIINIRGGNNLAAELEANLGLIEEISGYLKIRRSYALVSLSFFRKLRLIRGETLEIGNYSF
YALDNQNLRQLWDWSKHNLTITQGKLFFHYNPKLCLSEIHKMEEVSGTKGRQERNDIALKTNGDQASCENELLKFSYIRT
SFDKILLRWEPYWPPDFRDLLGFMLFYKEAPYQNVTEFDGQDACGSNSWTVVDIDPPLRSNDPKSQNHPGWLMRGLKPWT
QYAIFVKTLVTFSDERRTYGAKSDIIYVQTDATNPSVPLDPISVSNSSSQIILKWKPPSDPNGNITHYLVFWERQAEDSE
LFELDYCLKGLKLPSRTWSPPFESEDSQKHNQSEYEDSAGECCSCPKTDSQILKELEESSFRKTFEDYLHNVVFVPRKTS
SGTGAEDPRPSRKRRSLGDVGNVTVAVPTVAAFPNTSSTSVPTSPEEHRPFEKVVNKESLVISGLRHFTGYRIELQACNQ
DTPEERCSVAAYVSARTMPEAKADDIVGPVTHEIFENNVVHLMWQEPKEPNGLIVLYEVSYRRYGDEELHLCVSRKHFAL
ERGCRLRGLSPGNYSVRIRATSLAGNGSWTEPTYFYVTDYLDVPSNIARMKQLEDKVEELLSKNYHLENEVARLKKLVGE
R
;
B
#
loop_
_chem_comp.id
_chem_comp.type
_chem_comp.name
_chem_comp.formula
BMA D-saccharide, beta linking beta-D-mannopyranose 'C6 H12 O6'
NAG D-saccharide, beta linking 2-acetamido-2-deoxy-beta-D-glucopyranose 'C8 H15 N O6'
#
# COMPACT_ATOMS: atom_id res chain seq x y z
N ALA A 578 17.02 -25.55 30.22
CA ALA A 578 16.60 -24.27 29.65
C ALA A 578 16.51 -24.35 28.13
N SER A 579 15.65 -23.51 27.55
CA SER A 579 15.52 -23.44 26.11
C SER A 579 15.72 -22.03 25.60
N VAL A 580 15.51 -21.82 24.31
CA VAL A 580 15.61 -20.51 23.69
C VAL A 580 14.54 -19.60 24.29
N PRO A 581 14.91 -18.49 24.91
CA PRO A 581 13.88 -17.63 25.53
C PRO A 581 12.97 -17.03 24.48
N SER A 582 11.79 -16.61 24.93
CA SER A 582 10.90 -15.87 24.06
C SER A 582 11.44 -14.45 23.84
N ILE A 583 10.87 -13.78 22.84
CA ILE A 583 11.32 -12.44 22.44
C ILE A 583 11.01 -11.43 23.54
N PRO A 584 11.77 -10.33 23.63
CA PRO A 584 11.44 -9.28 24.60
C PRO A 584 10.11 -8.62 24.25
N LEU A 585 9.17 -8.66 25.20
CA LEU A 585 7.82 -8.19 24.95
C LEU A 585 7.74 -6.68 25.04
N ASP A 586 6.95 -6.07 24.17
CA ASP A 586 6.61 -4.66 24.25
C ASP A 586 7.88 -3.80 24.25
N VAL A 587 8.62 -3.87 23.14
CA VAL A 587 9.84 -3.10 22.98
C VAL A 587 9.47 -1.71 22.47
N LEU A 588 9.60 -0.71 23.33
CA LEU A 588 9.35 0.68 23.00
C LEU A 588 10.64 1.49 23.11
N SER A 589 10.64 2.65 22.47
CA SER A 589 11.80 3.52 22.46
C SER A 589 11.34 4.97 22.47
N ALA A 590 12.26 5.85 22.83
CA ALA A 590 11.97 7.28 22.91
C ALA A 590 13.23 8.06 22.61
N SER A 591 13.05 9.33 22.22
CA SER A 591 14.17 10.20 21.87
C SER A 591 14.41 11.16 23.03
N ASN A 592 15.32 10.76 23.92
CA ASN A 592 15.65 11.58 25.08
C ASN A 592 16.33 12.88 24.69
N SER A 593 17.42 12.78 23.93
CA SER A 593 18.13 13.95 23.45
C SER A 593 18.79 13.61 22.12
N SER A 594 19.28 14.65 21.44
CA SER A 594 19.95 14.43 20.17
C SER A 594 21.14 13.51 20.34
N SER A 595 21.36 12.64 19.37
CA SER A 595 22.38 11.60 19.42
C SER A 595 22.13 10.61 20.55
N GLN A 596 20.98 10.68 21.21
CA GLN A 596 20.64 9.78 22.29
C GLN A 596 19.27 9.15 22.03
N LEU A 597 19.09 7.92 22.51
CA LEU A 597 17.80 7.24 22.39
C LEU A 597 17.58 6.35 23.61
N ILE A 598 16.38 6.43 24.17
CA ILE A 598 15.96 5.55 25.26
C ILE A 598 15.15 4.41 24.67
N VAL A 599 15.46 3.19 25.07
CA VAL A 599 14.69 2.01 24.69
C VAL A 599 14.20 1.36 25.97
N LYS A 600 12.90 1.08 26.02
CA LYS A 600 12.27 0.48 27.20
C LYS A 600 11.37 -0.65 26.76
N TRP A 601 11.56 -1.83 27.36
CA TRP A 601 10.82 -3.01 26.97
C TRP A 601 10.45 -3.82 28.21
N ASN A 602 9.75 -4.92 27.99
CA ASN A 602 9.32 -5.81 29.04
C ASN A 602 10.06 -7.15 28.94
N PRO A 603 10.19 -7.88 30.05
CA PRO A 603 10.83 -9.20 30.00
C PRO A 603 10.07 -10.14 29.10
N PRO A 604 10.74 -11.16 28.56
CA PRO A 604 10.05 -12.10 27.65
C PRO A 604 9.00 -12.91 28.37
N SER A 605 8.02 -13.38 27.59
CA SER A 605 6.93 -14.17 28.16
C SER A 605 7.45 -15.46 28.78
N LEU A 606 8.18 -16.27 28.00
CA LEU A 606 8.80 -17.49 28.50
C LEU A 606 10.32 -17.33 28.50
N PRO A 607 10.92 -16.79 29.55
CA PRO A 607 12.39 -16.65 29.58
C PRO A 607 13.12 -17.98 29.48
N ASN A 608 12.49 -19.09 29.86
CA ASN A 608 13.09 -20.42 29.74
C ASN A 608 14.47 -20.43 30.38
N GLY A 609 14.50 -20.18 31.69
CA GLY A 609 15.74 -20.11 32.42
C GLY A 609 15.89 -18.79 33.16
N ASN A 610 16.77 -18.76 34.16
CA ASN A 610 17.18 -17.49 34.74
C ASN A 610 17.77 -16.56 33.69
N LEU A 611 17.05 -15.48 33.38
CA LEU A 611 17.53 -14.54 32.39
C LEU A 611 18.81 -13.88 32.87
N SER A 612 19.83 -13.87 32.00
CA SER A 612 21.11 -13.28 32.35
C SER A 612 21.19 -11.81 31.97
N TYR A 613 20.84 -11.47 30.74
CA TYR A 613 20.96 -10.10 30.26
C TYR A 613 20.23 -9.98 28.93
N TYR A 614 20.21 -8.76 28.39
CA TYR A 614 19.73 -8.50 27.05
C TYR A 614 20.88 -8.02 26.17
N ILE A 615 20.70 -8.20 24.87
CA ILE A 615 21.67 -7.74 23.86
C ILE A 615 21.01 -6.62 23.08
N VAL A 616 21.54 -5.40 23.23
CA VAL A 616 21.08 -4.25 22.49
C VAL A 616 21.98 -4.09 21.26
N ARG A 617 21.41 -4.29 20.07
CA ARG A 617 22.13 -4.22 18.81
C ARG A 617 21.43 -3.21 17.93
N TRP A 618 22.04 -2.03 17.76
CA TRP A 618 21.48 -0.97 16.94
C TRP A 618 22.31 -0.79 15.69
N GLN A 619 21.64 -0.67 14.55
CA GLN A 619 22.30 -0.46 13.26
C GLN A 619 21.67 0.72 12.55
N ARG A 620 22.51 1.51 11.89
CA ARG A 620 22.01 2.64 11.13
C ARG A 620 21.12 2.16 10.00
N GLN A 621 20.13 2.98 9.66
CA GLN A 621 19.22 2.68 8.57
C GLN A 621 19.27 3.79 7.54
N PRO A 622 19.68 3.52 6.30
CA PRO A 622 19.85 4.59 5.31
C PRO A 622 18.52 5.09 4.79
N GLN A 623 18.60 5.99 3.82
CA GLN A 623 17.42 6.57 3.21
C GLN A 623 16.71 5.54 2.33
N ASP A 624 15.60 5.95 1.74
CA ASP A 624 14.82 5.15 0.81
C ASP A 624 15.00 5.71 -0.61
N GLY A 625 14.35 5.04 -1.56
CA GLY A 625 14.47 5.43 -2.95
C GLY A 625 14.01 6.85 -3.24
N TYR A 626 12.70 7.10 -3.11
CA TYR A 626 12.17 8.43 -3.41
C TYR A 626 12.71 9.52 -2.52
N LEU A 627 13.36 9.18 -1.40
CA LEU A 627 14.01 10.19 -0.58
C LEU A 627 15.10 10.95 -1.33
N TYR A 628 15.61 10.41 -2.44
CA TYR A 628 16.49 11.16 -3.32
C TYR A 628 15.92 11.38 -4.71
N ARG A 629 14.66 11.01 -4.95
CA ARG A 629 14.02 11.20 -6.25
C ARG A 629 12.84 12.15 -6.21
N HIS A 630 12.08 12.17 -5.11
CA HIS A 630 10.88 13.01 -5.04
C HIS A 630 11.28 14.48 -5.05
N ASN A 631 10.93 15.18 -6.12
CA ASN A 631 11.09 16.63 -6.18
C ASN A 631 9.99 17.25 -5.32
N TYR A 632 10.26 17.25 -4.01
CA TYR A 632 9.25 17.64 -3.03
C TYR A 632 8.78 19.07 -3.18
N CYS A 633 9.38 19.85 -4.09
CA CYS A 633 8.87 21.19 -4.37
C CYS A 633 7.51 21.15 -5.04
N SER A 634 7.24 20.11 -5.84
CA SER A 634 5.96 20.02 -6.53
C SER A 634 5.35 18.62 -6.53
N LYS A 635 5.98 17.63 -5.88
CA LYS A 635 5.46 16.27 -5.94
C LYS A 635 4.35 16.04 -4.92
N ASP A 636 4.67 16.15 -3.63
CA ASP A 636 3.71 15.83 -2.57
C ASP A 636 4.26 16.34 -1.25
N LYS A 637 3.53 16.04 -0.18
CA LYS A 637 3.95 16.42 1.17
C LYS A 637 5.20 15.65 1.58
N ILE A 638 5.93 16.21 2.53
CA ILE A 638 7.19 15.62 2.98
C ILE A 638 6.89 14.50 3.98
N PRO A 639 7.41 13.28 3.79
CA PRO A 639 7.22 12.24 4.81
C PRO A 639 8.24 12.37 5.93
N ILE A 640 7.75 12.59 7.14
CA ILE A 640 8.60 12.74 8.32
C ILE A 640 8.30 11.60 9.28
N ARG A 641 9.30 11.26 10.10
CA ARG A 641 9.18 10.21 11.11
C ARG A 641 9.46 10.86 12.46
N LYS A 642 8.41 11.31 13.12
CA LYS A 642 8.54 11.98 14.40
C LYS A 642 8.99 11.00 15.48
N TYR A 643 9.91 11.45 16.32
CA TYR A 643 10.40 10.63 17.41
C TYR A 643 9.33 10.45 18.46
N ALA A 644 9.27 9.26 19.06
CA ALA A 644 8.25 8.91 20.04
C ALA A 644 8.74 9.17 21.46
N ASP A 645 9.11 10.43 21.71
CA ASP A 645 9.57 10.80 23.05
C ASP A 645 8.47 10.62 24.08
N GLY A 646 7.21 10.86 23.71
CA GLY A 646 6.10 10.68 24.62
C GLY A 646 5.97 9.27 25.17
N THR A 647 6.63 8.29 24.54
CA THR A 647 6.64 6.93 25.06
C THR A 647 7.50 6.77 26.31
N ILE A 648 8.07 7.86 26.83
CA ILE A 648 8.84 7.77 28.07
C ILE A 648 7.93 7.31 29.21
N ASP A 649 6.78 7.96 29.36
CA ASP A 649 5.83 7.60 30.41
C ASP A 649 4.58 6.98 29.82
N CYS A 670 -20.27 -5.54 41.43
CA CYS A 670 -19.19 -4.86 40.74
C CYS A 670 -19.06 -5.43 39.34
N ALA A 671 -17.84 -5.43 38.81
CA ALA A 671 -17.61 -5.98 37.48
C ALA A 671 -17.88 -7.47 37.47
N CYS A 672 -18.53 -7.94 36.41
CA CYS A 672 -18.91 -9.34 36.29
C CYS A 672 -18.12 -10.00 35.17
N PRO A 673 -17.49 -11.15 35.42
CA PRO A 673 -16.73 -11.81 34.36
C PRO A 673 -17.64 -12.39 33.29
N LYS A 674 -17.06 -12.60 32.11
CA LYS A 674 -17.79 -13.16 30.99
C LYS A 674 -17.96 -14.66 31.17
N THR A 675 -19.05 -15.19 30.62
CA THR A 675 -19.30 -16.61 30.66
C THR A 675 -18.33 -17.35 29.74
N GLU A 676 -18.43 -18.68 29.72
CA GLU A 676 -17.54 -19.50 28.91
C GLU A 676 -17.99 -19.57 27.46
N ALA A 677 -19.30 -19.49 27.20
CA ALA A 677 -19.79 -19.58 25.83
C ALA A 677 -19.30 -18.41 24.99
N GLU A 678 -19.55 -17.18 25.45
CA GLU A 678 -19.09 -16.00 24.72
C GLU A 678 -17.57 -15.92 24.70
N LYS A 679 -16.90 -16.44 25.73
CA LYS A 679 -15.44 -16.47 25.72
C LYS A 679 -14.90 -17.31 24.58
N GLN A 680 -15.44 -18.52 24.40
CA GLN A 680 -15.04 -19.35 23.27
C GLN A 680 -15.44 -18.74 21.95
N ALA A 681 -16.57 -18.02 21.91
CA ALA A 681 -17.02 -17.42 20.66
C ALA A 681 -16.10 -16.29 20.21
N GLU A 682 -15.54 -15.55 21.16
CA GLU A 682 -14.72 -14.40 20.85
C GLU A 682 -13.24 -14.75 20.70
N LYS A 683 -12.84 -15.97 21.03
CA LYS A 683 -11.45 -16.41 20.86
C LYS A 683 -11.18 -16.61 19.38
N GLU A 684 -10.60 -15.59 18.74
CA GLU A 684 -10.34 -15.61 17.31
C GLU A 684 -8.87 -15.49 16.96
N GLU A 685 -8.15 -14.57 17.60
CA GLU A 685 -6.75 -14.30 17.29
C GLU A 685 -5.78 -14.97 18.24
N ALA A 686 -6.25 -15.77 19.19
CA ALA A 686 -5.33 -16.37 20.16
C ALA A 686 -4.44 -17.41 19.49
N GLU A 687 -5.04 -18.38 18.80
CA GLU A 687 -4.26 -19.40 18.11
C GLU A 687 -3.41 -18.80 16.99
N TYR A 688 -3.82 -17.65 16.45
CA TYR A 688 -3.04 -16.98 15.41
C TYR A 688 -1.64 -16.62 15.93
N ARG A 689 -1.58 -15.75 16.94
CA ARG A 689 -0.30 -15.41 17.55
C ARG A 689 0.39 -16.63 18.13
N LYS A 690 -0.38 -17.63 18.56
CA LYS A 690 0.21 -18.85 19.10
C LYS A 690 1.10 -19.54 18.08
N VAL A 691 0.57 -19.78 16.87
CA VAL A 691 1.37 -20.47 15.85
C VAL A 691 2.50 -19.59 15.34
N PHE A 692 2.35 -18.27 15.35
CA PHE A 692 3.46 -17.41 14.95
C PHE A 692 4.61 -17.47 15.95
N GLU A 693 4.31 -17.53 17.24
CA GLU A 693 5.37 -17.65 18.23
C GLU A 693 5.98 -19.05 18.20
N ASN A 694 5.20 -20.06 17.88
CA ASN A 694 5.75 -21.40 17.69
C ASN A 694 6.73 -21.41 16.51
N PHE A 695 6.39 -20.71 15.43
CA PHE A 695 7.34 -20.57 14.33
C PHE A 695 8.63 -19.92 14.81
N LEU A 696 8.52 -18.76 15.44
CA LEU A 696 9.71 -18.02 15.87
C LEU A 696 10.47 -18.76 16.96
N HIS A 697 9.85 -19.73 17.62
CA HIS A 697 10.52 -20.45 18.69
C HIS A 697 11.64 -21.34 18.16
N ASN A 698 11.66 -21.62 16.86
CA ASN A 698 12.66 -22.50 16.27
C ASN A 698 13.80 -21.73 15.63
N SER A 699 14.17 -20.59 16.21
CA SER A 699 15.28 -19.79 15.73
C SER A 699 16.19 -19.43 16.90
N ILE A 700 17.41 -18.99 16.57
CA ILE A 700 18.40 -18.60 17.56
C ILE A 700 19.13 -17.36 17.05
N PHE A 701 19.85 -16.70 17.97
CA PHE A 701 20.73 -15.59 17.64
C PHE A 701 22.06 -15.83 18.33
N VAL A 702 23.09 -16.11 17.54
CA VAL A 702 24.40 -16.42 18.10
C VAL A 702 24.99 -15.18 18.75
N PRO A 703 25.72 -15.31 19.87
CA PRO A 703 26.34 -14.12 20.52
C PRO A 703 27.61 -13.67 19.80
N ARG A 704 27.40 -13.08 18.63
CA ARG A 704 28.52 -12.59 17.83
C ARG A 704 29.20 -11.42 18.54
N PRO A 705 30.53 -11.29 18.43
CA PRO A 705 31.24 -10.18 19.08
C PRO A 705 30.75 -8.82 18.59
N GLU A 742 23.86 5.16 1.02
CA GLU A 742 24.33 3.79 0.87
C GLU A 742 23.91 2.95 2.06
N THR A 743 23.98 1.62 1.91
CA THR A 743 23.46 0.69 2.91
C THR A 743 24.56 -0.21 3.45
N GLU A 744 25.72 0.37 3.76
CA GLU A 744 26.86 -0.39 4.27
C GLU A 744 27.15 -0.04 5.72
N TYR A 745 26.11 0.14 6.53
CA TYR A 745 26.27 0.51 7.93
C TYR A 745 26.36 -0.75 8.79
N PRO A 746 27.49 -1.01 9.45
CA PRO A 746 27.56 -2.14 10.38
C PRO A 746 26.76 -1.87 11.65
N PHE A 747 26.56 -2.95 12.41
CA PHE A 747 25.82 -2.87 13.66
C PHE A 747 26.77 -2.61 14.83
N PHE A 748 26.18 -2.20 15.95
CA PHE A 748 26.89 -2.01 17.21
C PHE A 748 26.14 -2.76 18.29
N GLU A 749 26.80 -3.72 18.94
CA GLU A 749 26.14 -4.63 19.87
C GLU A 749 26.80 -4.52 21.25
N SER A 750 25.97 -4.40 22.29
CA SER A 750 26.43 -4.37 23.66
C SER A 750 25.43 -5.13 24.53
N ARG A 751 25.81 -5.33 25.79
CA ARG A 751 25.02 -6.10 26.74
C ARG A 751 24.45 -5.20 27.82
N VAL A 752 23.19 -5.45 28.18
CA VAL A 752 22.49 -4.76 29.25
C VAL A 752 22.12 -5.83 30.27
N ASP A 753 22.74 -5.76 31.45
CA ASP A 753 22.69 -6.88 32.38
C ASP A 753 21.29 -7.08 32.96
N ASN A 754 20.78 -6.09 33.70
CA ASN A 754 19.51 -6.24 34.39
C ASN A 754 18.69 -4.96 34.30
N LYS A 755 18.67 -4.34 33.13
CA LYS A 755 17.92 -3.11 32.91
C LYS A 755 16.99 -3.29 31.73
N GLU A 756 15.70 -3.05 31.96
CA GLU A 756 14.71 -3.01 30.88
C GLU A 756 14.76 -1.71 30.11
N ARG A 757 15.60 -0.76 30.54
CA ARG A 757 15.79 0.51 29.87
C ARG A 757 17.27 0.67 29.53
N THR A 758 17.56 1.29 28.39
CA THR A 758 18.93 1.45 27.94
C THR A 758 19.04 2.71 27.10
N VAL A 759 20.09 3.48 27.36
CA VAL A 759 20.35 4.74 26.68
C VAL A 759 21.57 4.55 25.77
N ILE A 760 21.40 4.89 24.50
CA ILE A 760 22.48 4.87 23.52
C ILE A 760 22.90 6.30 23.26
N SER A 761 24.19 6.59 23.42
CA SER A 761 24.71 7.95 23.39
C SER A 761 25.74 8.15 22.29
N ASN A 762 25.66 7.38 21.22
CA ASN A 762 26.62 7.46 20.12
C ASN A 762 25.89 7.43 18.78
N LEU A 763 24.83 8.23 18.65
CA LEU A 763 23.97 8.19 17.48
C LEU A 763 24.12 9.47 16.66
N ARG A 764 23.33 9.56 15.59
CA ARG A 764 23.25 10.69 14.69
C ARG A 764 21.92 11.42 14.88
N PRO A 765 21.92 12.76 14.89
CA PRO A 765 20.68 13.51 15.15
C PRO A 765 19.59 13.22 14.12
N PHE A 766 18.49 12.65 14.60
CA PHE A 766 17.28 12.42 13.81
C PHE A 766 17.59 11.55 12.58
N THR A 767 18.01 10.31 12.83
CA THR A 767 18.19 9.34 11.77
C THR A 767 17.61 8.00 12.20
N LEU A 768 17.10 7.26 11.23
CA LEU A 768 16.47 5.98 11.51
C LEU A 768 17.50 4.99 12.04
N TYR A 769 17.15 4.33 13.15
CA TYR A 769 17.98 3.33 13.78
C TYR A 769 17.16 2.09 14.08
N ARG A 770 17.66 0.93 13.66
CA ARG A 770 16.98 -0.33 13.90
C ARG A 770 17.67 -1.03 15.06
N ILE A 771 16.93 -1.27 16.14
CA ILE A 771 17.45 -1.90 17.33
C ILE A 771 16.83 -3.28 17.44
N ASP A 772 17.67 -4.31 17.47
CA ASP A 772 17.23 -5.69 17.61
C ASP A 772 17.67 -6.19 18.98
N ILE A 773 16.71 -6.65 19.78
CA ILE A 773 16.98 -7.12 21.13
C ILE A 773 16.70 -8.61 21.21
N HIS A 774 17.58 -9.32 21.91
CA HIS A 774 17.47 -10.76 22.08
C HIS A 774 17.65 -11.06 23.57
N SER A 775 16.59 -11.50 24.22
CA SER A 775 16.66 -11.79 25.65
C SER A 775 17.49 -13.04 25.87
N CYS A 776 18.70 -12.87 26.37
CA CYS A 776 19.63 -13.97 26.58
C CYS A 776 19.44 -14.51 27.99
N ASN A 777 19.19 -15.81 28.10
CA ASN A 777 19.11 -16.47 29.38
C ASN A 777 20.49 -16.99 29.76
N HIS A 778 20.55 -17.83 30.79
CA HIS A 778 21.75 -18.59 31.05
C HIS A 778 21.96 -19.61 29.92
N GLU A 779 23.22 -19.97 29.70
CA GLU A 779 23.59 -20.86 28.59
C GLU A 779 23.15 -20.27 27.25
N ALA A 780 23.07 -18.94 27.16
CA ALA A 780 22.73 -18.29 25.91
C ALA A 780 23.87 -18.31 24.90
N GLU A 781 25.04 -18.78 25.29
CA GLU A 781 26.17 -18.94 24.38
C GLU A 781 26.23 -20.35 23.80
N LYS A 782 25.90 -21.36 24.60
CA LYS A 782 25.88 -22.73 24.10
C LYS A 782 24.68 -22.97 23.19
N LEU A 783 23.50 -22.51 23.61
CA LEU A 783 22.29 -22.68 22.83
C LEU A 783 22.06 -21.55 21.83
N GLY A 784 22.57 -20.36 22.11
CA GLY A 784 22.27 -19.20 21.29
C GLY A 784 21.20 -18.35 21.91
N CYS A 785 21.38 -17.02 21.87
CA CYS A 785 20.44 -16.13 22.51
C CYS A 785 19.07 -16.20 21.84
N SER A 786 18.10 -15.53 22.45
CA SER A 786 16.72 -15.65 22.01
C SER A 786 16.55 -15.07 20.62
N ALA A 787 15.34 -15.25 20.07
CA ALA A 787 15.01 -14.71 18.76
C ALA A 787 14.98 -13.19 18.82
N SER A 788 15.08 -12.59 17.63
CA SER A 788 15.19 -11.14 17.53
C SER A 788 13.81 -10.50 17.61
N ASN A 789 13.75 -9.39 18.36
CA ASN A 789 12.59 -8.50 18.37
C ASN A 789 13.05 -7.13 17.90
N PHE A 790 12.44 -6.64 16.83
CA PHE A 790 12.93 -5.43 16.18
C PHE A 790 12.14 -4.22 16.67
N VAL A 791 12.76 -3.05 16.50
CA VAL A 791 12.08 -1.79 16.74
C VAL A 791 12.82 -0.72 15.95
N PHE A 792 12.11 0.34 15.62
CA PHE A 792 12.67 1.44 14.84
C PHE A 792 12.41 2.75 15.55
N ALA A 793 13.44 3.61 15.61
CA ALA A 793 13.32 4.86 16.33
C ALA A 793 14.20 5.90 15.65
N ARG A 794 13.88 7.16 15.90
CA ARG A 794 14.66 8.29 15.40
C ARG A 794 15.09 9.16 16.57
N THR A 795 16.32 9.68 16.48
CA THR A 795 16.85 10.48 17.57
C THR A 795 16.30 11.91 17.50
N MET A 796 16.65 12.70 18.50
CA MET A 796 16.24 14.09 18.53
C MET A 796 17.02 14.88 17.48
N PRO A 797 16.35 15.75 16.72
CA PRO A 797 17.07 16.57 15.76
C PRO A 797 18.07 17.47 16.46
N ALA A 798 19.20 17.70 15.79
CA ALA A 798 20.20 18.62 16.31
C ALA A 798 19.64 20.04 16.34
N GLU A 799 19.74 20.68 17.49
CA GLU A 799 19.09 21.98 17.69
C GLU A 799 19.63 23.02 16.72
N GLY A 800 18.80 23.43 15.76
CA GLY A 800 19.19 24.43 14.80
C GLY A 800 20.37 24.02 13.94
N ALA A 801 20.40 22.76 13.50
CA ALA A 801 21.47 22.28 12.65
C ALA A 801 21.12 22.29 11.17
N ASP A 802 19.85 22.03 10.82
CA ASP A 802 19.44 22.03 9.43
C ASP A 802 19.48 23.41 8.80
N ASP A 803 19.78 24.45 9.57
CA ASP A 803 19.98 25.77 9.00
C ASP A 803 21.22 25.79 8.13
N ILE A 804 21.39 26.89 7.40
CA ILE A 804 22.55 27.08 6.54
C ILE A 804 23.79 27.16 7.42
N PRO A 805 24.77 26.26 7.27
CA PRO A 805 25.89 26.24 8.21
C PRO A 805 26.87 27.39 8.02
N GLY A 806 26.58 28.34 7.13
CA GLY A 806 27.46 29.46 6.92
C GLY A 806 26.75 30.64 6.29
N PRO A 807 27.49 31.68 5.96
CA PRO A 807 26.91 32.86 5.30
C PRO A 807 26.59 32.60 3.83
N VAL A 808 25.45 33.13 3.40
CA VAL A 808 25.00 32.96 2.03
C VAL A 808 25.56 34.10 1.18
N THR A 809 25.55 33.89 -0.14
CA THR A 809 26.00 34.88 -1.09
C THR A 809 24.91 35.10 -2.13
N TRP A 810 24.89 36.30 -2.71
CA TRP A 810 23.88 36.67 -3.70
C TRP A 810 24.57 37.33 -4.88
N GLU A 811 23.98 37.14 -6.06
CA GLU A 811 24.54 37.69 -7.28
C GLU A 811 23.43 38.33 -8.11
N PRO A 812 23.60 39.55 -8.59
CA PRO A 812 22.61 40.15 -9.49
C PRO A 812 22.82 39.68 -10.93
N ARG A 813 21.71 39.62 -11.66
CA ARG A 813 21.70 39.13 -13.03
C ARG A 813 20.72 39.97 -13.83
N PRO A 814 20.84 39.93 -15.16
CA PRO A 814 19.91 40.71 -16.01
C PRO A 814 18.46 40.35 -15.71
N GLU A 815 17.57 41.20 -16.24
CA GLU A 815 16.15 41.14 -15.89
C GLU A 815 15.93 41.35 -14.40
N ASN A 816 16.89 41.99 -13.74
CA ASN A 816 16.85 42.19 -12.29
C ASN A 816 16.75 40.85 -11.58
N SER A 817 17.41 39.83 -12.14
CA SER A 817 17.37 38.50 -11.57
C SER A 817 18.38 38.38 -10.43
N ILE A 818 18.11 37.43 -9.54
CA ILE A 818 18.98 37.14 -8.41
C ILE A 818 19.33 35.66 -8.42
N PHE A 819 20.55 35.36 -7.97
CA PHE A 819 21.00 33.98 -7.82
C PHE A 819 21.61 33.85 -6.43
N LEU A 820 21.03 33.00 -5.60
CA LEU A 820 21.53 32.78 -4.24
C LEU A 820 22.30 31.47 -4.19
N LYS A 821 23.38 31.46 -3.42
CA LYS A 821 24.20 30.28 -3.23
C LYS A 821 24.56 30.13 -1.76
N TRP A 822 24.48 28.91 -1.24
CA TRP A 822 24.67 28.67 0.18
C TRP A 822 25.25 27.28 0.36
N PRO A 823 25.89 27.00 1.49
CA PRO A 823 26.34 25.64 1.78
C PRO A 823 25.22 24.79 2.34
N GLU A 824 25.46 23.46 2.31
CA GLU A 824 24.50 22.55 2.92
C GLU A 824 24.94 22.16 4.32
N PRO A 825 24.00 21.89 5.23
CA PRO A 825 24.38 21.45 6.57
C PRO A 825 25.18 20.15 6.52
N GLU A 826 26.32 20.15 7.20
CA GLU A 826 27.17 18.96 7.16
C GLU A 826 26.54 17.79 7.89
N ASN A 827 25.85 18.06 9.00
CA ASN A 827 25.15 17.04 9.79
C ASN A 827 23.70 17.43 9.95
N PRO A 828 22.88 17.23 8.92
CA PRO A 828 21.47 17.57 9.03
C PRO A 828 20.69 16.56 9.86
N ASN A 829 19.50 16.97 10.28
CA ASN A 829 18.61 16.12 11.07
C ASN A 829 17.93 15.14 10.12
N GLY A 830 18.63 14.06 9.82
CA GLY A 830 18.17 13.06 8.88
C GLY A 830 18.57 13.36 7.45
N LEU A 831 17.93 14.35 6.83
CA LEU A 831 18.26 14.70 5.46
C LEU A 831 17.61 16.03 5.11
N ILE A 832 18.34 16.87 4.38
CA ILE A 832 17.79 18.11 3.85
C ILE A 832 16.95 17.75 2.62
N LEU A 833 15.63 17.84 2.75
CA LEU A 833 14.76 17.47 1.65
C LEU A 833 14.58 18.60 0.65
N MET A 834 14.52 19.84 1.14
CA MET A 834 14.31 21.00 0.29
C MET A 834 14.68 22.25 1.07
N TYR A 835 14.76 23.36 0.35
CA TYR A 835 15.05 24.66 0.94
C TYR A 835 13.91 25.63 0.63
N GLU A 836 13.58 26.47 1.59
CA GLU A 836 12.57 27.51 1.44
C GLU A 836 13.24 28.86 1.46
N ILE A 837 13.02 29.66 0.43
CA ILE A 837 13.59 30.99 0.29
C ILE A 837 12.43 31.99 0.33
N LYS A 838 12.31 32.73 1.43
CA LYS A 838 11.29 33.77 1.57
C LYS A 838 11.93 35.14 1.36
N TYR A 839 11.44 35.86 0.36
CA TYR A 839 11.98 37.15 -0.06
C TYR A 839 10.78 38.06 -0.34
N GLY A 840 11.05 39.34 -0.55
CA GLY A 840 9.96 40.25 -0.86
C GLY A 840 10.34 41.69 -0.58
N SER A 841 9.36 42.56 -0.84
CA SER A 841 9.50 44.01 -0.68
C SER A 841 9.02 44.41 0.71
N GLN A 842 9.95 44.76 1.58
CA GLN A 842 9.69 45.16 2.97
C GLN A 842 9.15 44.02 3.82
N VAL A 843 8.87 42.86 3.23
CA VAL A 843 8.36 41.72 3.97
C VAL A 843 8.61 40.47 3.12
N GLU A 844 9.06 39.40 3.76
CA GLU A 844 9.34 38.18 3.02
C GLU A 844 7.98 37.55 2.71
N ASP A 845 7.36 38.08 1.64
CA ASP A 845 6.04 37.65 1.18
C ASP A 845 6.13 36.59 0.08
N GLN A 846 6.92 36.84 -0.95
CA GLN A 846 7.09 35.87 -2.01
C GLN A 846 7.89 34.68 -1.49
N ARG A 847 7.57 33.50 -2.02
CA ARG A 847 8.19 32.26 -1.59
C ARG A 847 8.72 31.48 -2.80
N GLU A 848 9.75 30.69 -2.56
CA GLU A 848 10.35 29.86 -3.59
C GLU A 848 10.86 28.58 -2.95
N CYS A 849 10.68 27.46 -3.66
CA CYS A 849 11.16 26.17 -3.19
C CYS A 849 12.37 25.74 -4.01
N VAL A 850 13.32 25.08 -3.34
CA VAL A 850 14.52 24.55 -3.97
C VAL A 850 14.64 23.09 -3.59
N SER A 851 14.59 22.21 -4.59
CA SER A 851 14.66 20.79 -4.35
C SER A 851 16.08 20.39 -3.95
N ARG A 852 16.26 19.10 -3.67
CA ARG A 852 17.56 18.61 -3.21
C ARG A 852 18.59 18.62 -4.33
N GLN A 853 18.23 18.07 -5.48
CA GLN A 853 19.21 17.93 -6.57
C GLN A 853 19.38 19.24 -7.33
N GLU A 854 18.33 20.04 -7.46
CA GLU A 854 18.44 21.29 -8.21
C GLU A 854 19.44 22.23 -7.55
N TYR A 855 19.64 22.09 -6.24
CA TYR A 855 20.64 22.90 -5.54
C TYR A 855 22.03 22.67 -6.10
N ARG A 856 22.39 21.41 -6.34
CA ARG A 856 23.74 21.09 -6.79
C ARG A 856 24.03 21.60 -8.19
N LYS A 857 23.00 21.98 -8.96
CA LYS A 857 23.24 22.54 -10.29
C LYS A 857 23.99 23.85 -10.22
N TYR A 858 23.80 24.61 -9.14
CA TYR A 858 24.50 25.88 -8.97
C TYR A 858 24.96 26.09 -7.53
N GLY A 859 24.85 25.10 -6.67
CA GLY A 859 25.07 25.35 -5.25
C GLY A 859 24.00 26.21 -4.63
N GLY A 860 22.85 26.33 -5.27
CA GLY A 860 21.79 27.18 -4.79
C GLY A 860 20.60 27.24 -5.72
N ALA A 861 20.09 28.44 -5.99
CA ALA A 861 18.94 28.61 -6.87
C ALA A 861 18.86 30.06 -7.32
N LYS A 862 18.24 30.27 -8.48
CA LYS A 862 18.13 31.59 -9.10
C LYS A 862 16.66 32.00 -9.14
N LEU A 863 16.33 33.07 -8.43
CA LEU A 863 15.04 33.73 -8.58
C LEU A 863 15.08 34.59 -9.84
N ASN A 864 14.07 34.43 -10.70
CA ASN A 864 14.16 34.95 -12.06
C ASN A 864 13.95 36.45 -12.13
N ARG A 865 13.12 37.02 -11.26
CA ARG A 865 12.85 38.46 -11.31
C ARG A 865 12.48 38.98 -9.94
N LEU A 866 13.05 40.14 -9.60
CA LEU A 866 12.70 40.87 -8.40
C LEU A 866 12.67 42.35 -8.76
N ASN A 867 11.80 43.10 -8.10
CA ASN A 867 11.69 44.52 -8.38
C ASN A 867 12.98 45.24 -8.01
N PRO A 868 13.37 46.28 -8.77
CA PRO A 868 14.60 47.00 -8.45
C PRO A 868 14.55 47.70 -7.10
N GLY A 869 15.38 47.26 -6.17
CA GLY A 869 15.42 47.85 -4.85
C GLY A 869 16.17 46.98 -3.88
N ASN A 870 16.44 47.55 -2.71
CA ASN A 870 17.07 46.80 -1.64
C ASN A 870 16.14 45.68 -1.18
N TYR A 871 16.42 44.45 -1.55
CA TYR A 871 15.58 43.32 -1.22
C TYR A 871 16.25 42.43 -0.17
N THR A 872 15.44 41.58 0.45
CA THR A 872 15.90 40.67 1.49
C THR A 872 15.31 39.29 1.24
N ALA A 873 16.02 38.27 1.74
CA ALA A 873 15.59 36.89 1.57
C ALA A 873 16.13 36.04 2.70
N ARG A 874 15.24 35.31 3.38
CA ARG A 874 15.64 34.30 4.35
C ARG A 874 15.57 32.92 3.69
N ILE A 875 16.49 32.05 4.09
CA ILE A 875 16.57 30.69 3.55
C ILE A 875 16.45 29.73 4.72
N GLN A 876 15.24 29.26 4.98
CA GLN A 876 14.99 28.29 6.05
C GLN A 876 14.85 26.93 5.39
N ALA A 877 15.87 26.09 5.54
CA ALA A 877 15.85 24.78 4.93
C ALA A 877 14.79 23.90 5.59
N THR A 878 14.54 22.74 4.98
CA THR A 878 13.61 21.76 5.53
C THR A 878 14.31 20.41 5.56
N SER A 879 14.57 19.91 6.77
CA SER A 879 15.19 18.60 6.94
C SER A 879 14.09 17.54 7.04
N LEU A 880 14.48 16.32 7.40
CA LEU A 880 13.50 15.27 7.64
C LEU A 880 12.69 15.53 8.90
N SER A 881 13.16 16.42 9.77
CA SER A 881 12.43 16.80 10.98
C SER A 881 11.62 18.07 10.79
N GLY A 882 11.12 18.30 9.58
CA GLY A 882 10.37 19.51 9.30
C GLY A 882 11.27 20.66 8.92
N ASN A 883 10.68 21.85 8.94
CA ASN A 883 11.45 23.06 8.66
C ASN A 883 12.37 23.37 9.84
N GLY A 884 13.54 23.89 9.53
CA GLY A 884 14.53 24.20 10.54
C GLY A 884 14.59 25.68 10.83
N SER A 885 15.81 26.19 10.98
CA SER A 885 16.05 27.59 11.28
C SER A 885 16.63 28.30 10.07
N TRP A 886 16.64 29.63 10.15
CA TRP A 886 17.21 30.48 9.12
C TRP A 886 18.28 31.35 9.74
N THR A 887 19.41 31.49 9.07
CA THR A 887 20.51 32.28 9.59
C THR A 887 20.14 33.76 9.66
N ASP A 888 19.82 34.37 8.52
CA ASP A 888 19.52 35.78 8.48
C ASP A 888 18.81 36.11 7.18
N PRO A 889 17.91 37.09 7.18
CA PRO A 889 17.34 37.53 5.91
C PRO A 889 18.35 38.34 5.13
N VAL A 890 19.20 37.65 4.37
CA VAL A 890 20.32 38.30 3.69
C VAL A 890 19.81 39.41 2.77
N PHE A 891 20.56 40.50 2.75
CA PHE A 891 20.27 41.66 1.91
C PHE A 891 21.03 41.55 0.59
N PHE A 892 20.47 42.17 -0.44
CA PHE A 892 21.12 42.19 -1.75
C PHE A 892 20.63 43.41 -2.51
N TYR A 893 21.44 43.83 -3.48
CA TYR A 893 21.18 45.05 -4.25
C TYR A 893 20.61 44.62 -5.60
N VAL A 894 19.28 44.71 -5.72
CA VAL A 894 18.63 44.42 -6.99
C VAL A 894 18.65 45.65 -7.90
N GLN A 895 18.63 46.85 -7.32
CA GLN A 895 18.63 48.09 -8.10
C GLN A 895 20.04 48.43 -8.55
N ALA A 896 20.23 49.64 -9.04
CA ALA A 896 21.53 50.16 -9.46
C ALA A 896 21.76 51.53 -8.84
N LYS A 897 23.03 51.86 -8.64
CA LYS A 897 23.40 53.15 -8.07
C LYS A 897 23.29 54.26 -9.11
N HIS B 1 2.31 -20.72 -20.87
CA HIS B 1 1.04 -21.26 -21.41
C HIS B 1 0.24 -21.93 -20.30
N LEU B 2 -0.60 -22.90 -20.64
CA LEU B 2 -1.43 -23.56 -19.64
C LEU B 2 -0.74 -24.75 -18.98
N TYR B 3 0.21 -25.39 -19.67
CA TYR B 3 0.94 -26.55 -19.15
C TYR B 3 2.44 -26.23 -19.17
N PRO B 4 2.89 -25.34 -18.29
CA PRO B 4 4.31 -24.95 -18.32
C PRO B 4 5.24 -25.82 -17.47
N GLY B 5 4.70 -26.51 -16.47
CA GLY B 5 5.55 -27.26 -15.56
C GLY B 5 4.90 -28.43 -14.87
N GLU B 6 5.58 -28.97 -13.85
CA GLU B 6 5.15 -30.15 -13.14
C GLU B 6 4.40 -29.79 -11.86
N VAL B 7 4.15 -30.80 -11.03
CA VAL B 7 3.43 -30.64 -9.76
C VAL B 7 4.40 -30.92 -8.62
N CYS B 8 4.26 -30.14 -7.54
CA CYS B 8 5.07 -30.28 -6.35
C CYS B 8 4.16 -30.33 -5.14
N PRO B 9 4.56 -31.02 -4.07
CA PRO B 9 3.77 -31.02 -2.84
C PRO B 9 4.07 -29.80 -1.99
N GLY B 10 3.33 -29.66 -0.90
CA GLY B 10 3.55 -28.55 0.01
C GLY B 10 4.88 -28.69 0.72
N MET B 11 5.61 -27.58 0.83
CA MET B 11 6.95 -27.61 1.39
C MET B 11 7.17 -26.41 2.30
N ASP B 12 8.09 -26.57 3.25
CA ASP B 12 8.47 -25.53 4.19
C ASP B 12 9.97 -25.29 4.05
N ILE B 13 10.32 -24.06 3.69
CA ILE B 13 11.70 -23.64 3.48
C ILE B 13 12.11 -22.75 4.63
N ARG B 14 13.28 -23.01 5.20
CA ARG B 14 13.76 -22.27 6.35
C ARG B 14 15.26 -22.11 6.28
N ASN B 15 15.74 -21.03 6.90
CA ASN B 15 17.14 -20.88 7.29
C ASN B 15 18.10 -20.63 6.13
N ASN B 16 17.63 -20.73 4.89
CA ASN B 16 18.54 -20.52 3.76
C ASN B 16 17.76 -20.67 2.46
N LEU B 17 18.32 -20.10 1.39
CA LEU B 17 17.81 -20.30 0.04
C LEU B 17 18.32 -21.58 -0.61
N THR B 18 19.10 -22.40 0.10
CA THR B 18 19.63 -23.61 -0.52
C THR B 18 18.50 -24.57 -0.88
N ARG B 19 17.62 -24.86 0.08
CA ARG B 19 16.50 -25.76 -0.17
C ARG B 19 15.46 -25.17 -1.11
N LEU B 20 15.53 -23.88 -1.40
CA LEU B 20 14.58 -23.31 -2.37
C LEU B 20 14.82 -23.80 -3.78
N HIS B 21 15.97 -24.43 -4.05
CA HIS B 21 16.21 -24.98 -5.37
C HIS B 21 15.27 -26.14 -5.70
N GLU B 22 14.67 -26.76 -4.69
CA GLU B 22 13.79 -27.89 -4.94
C GLU B 22 12.55 -27.49 -5.71
N LEU B 23 12.22 -26.20 -5.76
CA LEU B 23 11.05 -25.69 -6.45
C LEU B 23 11.45 -24.82 -7.64
N GLU B 24 12.51 -25.22 -8.33
CA GLU B 24 13.03 -24.41 -9.44
C GLU B 24 12.06 -24.42 -10.62
N ASN B 25 11.81 -25.60 -11.17
CA ASN B 25 10.94 -25.74 -12.33
C ASN B 25 9.48 -25.87 -11.96
N CYS B 26 9.14 -25.74 -10.68
CA CYS B 26 7.78 -25.98 -10.24
C CYS B 26 6.84 -24.93 -10.84
N SER B 27 5.63 -25.37 -11.18
CA SER B 27 4.59 -24.51 -11.68
C SER B 27 3.37 -24.46 -10.77
N VAL B 28 2.96 -25.61 -10.25
CA VAL B 28 1.87 -25.70 -9.29
C VAL B 28 2.37 -26.46 -8.08
N ILE B 29 1.82 -26.10 -6.92
CA ILE B 29 2.22 -26.67 -5.64
C ILE B 29 0.96 -27.15 -4.96
N GLU B 30 0.73 -28.46 -4.98
CA GLU B 30 -0.47 -29.02 -4.35
C GLU B 30 -0.35 -28.95 -2.84
N GLY B 31 -0.39 -27.73 -2.30
CA GLY B 31 -0.26 -27.54 -0.87
C GLY B 31 -0.02 -26.09 -0.55
N HIS B 32 0.67 -25.85 0.57
CA HIS B 32 1.05 -24.51 0.98
C HIS B 32 2.50 -24.22 0.59
N LEU B 33 2.85 -22.94 0.63
CA LEU B 33 4.20 -22.48 0.30
C LEU B 33 4.71 -21.63 1.45
N GLN B 34 5.53 -22.22 2.31
CA GLN B 34 6.04 -21.54 3.51
C GLN B 34 7.50 -21.18 3.28
N ILE B 35 7.81 -19.89 3.31
CA ILE B 35 9.18 -19.39 3.28
C ILE B 35 9.33 -18.49 4.50
N LEU B 36 10.01 -18.98 5.54
CA LEU B 36 10.06 -18.27 6.80
C LEU B 36 11.40 -18.49 7.48
N LEU B 37 11.73 -17.56 8.37
CA LEU B 37 12.91 -17.67 9.24
C LEU B 37 14.19 -17.76 8.42
N MET B 38 14.45 -16.70 7.64
CA MET B 38 15.69 -16.54 6.89
C MET B 38 16.44 -15.37 7.51
N PHE B 39 17.33 -15.68 8.44
CA PHE B 39 18.00 -14.67 9.24
C PHE B 39 19.32 -14.21 8.61
N LYS B 40 20.23 -15.15 8.36
CA LYS B 40 21.54 -14.82 7.83
C LYS B 40 21.52 -14.47 6.36
N THR B 41 20.36 -14.50 5.71
CA THR B 41 20.29 -14.20 4.30
C THR B 41 20.60 -12.73 4.05
N ARG B 42 21.11 -12.43 2.86
CA ARG B 42 21.48 -11.09 2.46
C ARG B 42 20.69 -10.66 1.23
N PRO B 43 20.54 -9.35 1.01
CA PRO B 43 19.79 -8.91 -0.17
C PRO B 43 20.38 -9.39 -1.48
N GLU B 44 21.71 -9.50 -1.57
CA GLU B 44 22.32 -10.01 -2.79
C GLU B 44 22.01 -11.48 -3.02
N ASP B 45 21.66 -12.22 -1.96
CA ASP B 45 21.26 -13.60 -2.14
C ASP B 45 19.97 -13.73 -2.92
N PHE B 46 19.05 -12.77 -2.77
CA PHE B 46 17.77 -12.82 -3.45
C PHE B 46 17.78 -12.19 -4.84
N ARG B 47 18.74 -11.31 -5.14
CA ARG B 47 18.75 -10.62 -6.41
C ARG B 47 19.02 -11.53 -7.59
N ASP B 48 19.53 -12.74 -7.37
CA ASP B 48 19.82 -13.69 -8.44
C ASP B 48 19.02 -14.98 -8.28
N LEU B 49 17.82 -14.88 -7.72
CA LEU B 49 16.95 -16.03 -7.51
C LEU B 49 15.56 -15.68 -8.03
N SER B 50 14.97 -16.58 -8.82
CA SER B 50 13.66 -16.34 -9.40
C SER B 50 12.97 -17.67 -9.63
N PHE B 51 11.66 -17.59 -9.86
CA PHE B 51 10.85 -18.78 -10.16
C PHE B 51 9.75 -18.38 -11.14
N PRO B 52 10.10 -18.18 -12.41
CA PRO B 52 9.08 -17.83 -13.40
C PRO B 52 8.14 -18.97 -13.75
N LYS B 53 8.50 -20.21 -13.44
CA LYS B 53 7.61 -21.33 -13.74
C LYS B 53 6.44 -21.40 -12.76
N LEU B 54 6.65 -21.01 -11.51
CA LEU B 54 5.57 -21.01 -10.52
C LEU B 54 4.51 -19.99 -10.93
N ILE B 55 3.31 -20.47 -11.26
CA ILE B 55 2.25 -19.61 -11.76
C ILE B 55 1.03 -19.70 -10.85
N MET B 56 0.86 -20.84 -10.18
CA MET B 56 -0.33 -21.08 -9.37
C MET B 56 0.02 -21.88 -8.13
N ILE B 57 -0.56 -21.46 -7.02
CA ILE B 57 -0.54 -22.24 -5.78
C ILE B 57 -1.96 -22.75 -5.56
N THR B 58 -2.10 -23.63 -4.58
CA THR B 58 -3.41 -24.17 -4.22
C THR B 58 -3.92 -23.70 -2.87
N ASP B 59 -3.10 -23.77 -1.82
CA ASP B 59 -3.58 -23.43 -0.48
C ASP B 59 -3.32 -21.96 -0.15
N TYR B 60 -2.04 -21.57 -0.08
CA TYR B 60 -1.70 -20.19 0.23
C TYR B 60 -0.21 -19.96 0.16
N LEU B 61 0.21 -18.71 0.41
CA LEU B 61 1.61 -18.32 0.41
C LEU B 61 1.90 -17.57 1.70
N LEU B 62 2.98 -17.93 2.38
CA LEU B 62 3.33 -17.35 3.66
C LEU B 62 4.76 -16.86 3.65
N LEU B 63 4.99 -15.67 4.21
CA LEU B 63 6.33 -15.11 4.36
C LEU B 63 6.42 -14.50 5.75
N PHE B 64 7.40 -14.94 6.53
CA PHE B 64 7.52 -14.48 7.91
C PHE B 64 8.98 -14.47 8.33
N ARG B 65 9.48 -13.30 8.71
CA ARG B 65 10.85 -13.15 9.20
C ARG B 65 11.86 -13.62 8.15
N VAL B 66 11.81 -12.99 6.99
CA VAL B 66 12.76 -13.24 5.90
C VAL B 66 13.52 -11.94 5.67
N TYR B 67 14.65 -11.80 6.34
CA TYR B 67 15.45 -10.59 6.25
C TYR B 67 16.09 -10.46 4.88
N GLY B 68 16.44 -9.22 4.53
CA GLY B 68 17.04 -8.92 3.23
C GLY B 68 16.11 -9.02 2.05
N LEU B 69 14.90 -9.53 2.23
CA LEU B 69 13.93 -9.66 1.14
C LEU B 69 13.22 -8.33 0.96
N GLU B 70 13.70 -7.53 0.00
CA GLU B 70 13.13 -6.20 -0.21
C GLU B 70 11.86 -6.25 -1.04
N SER B 71 11.74 -7.23 -1.94
CA SER B 71 10.60 -7.31 -2.83
C SER B 71 10.39 -8.76 -3.22
N LEU B 72 9.28 -9.01 -3.92
CA LEU B 72 8.98 -10.32 -4.49
C LEU B 72 8.79 -10.28 -5.99
N LYS B 73 8.96 -9.12 -6.63
CA LYS B 73 8.79 -9.01 -8.07
C LYS B 73 9.77 -9.89 -8.83
N ASP B 74 10.83 -10.36 -8.19
CA ASP B 74 11.79 -11.25 -8.83
C ASP B 74 11.64 -12.70 -8.40
N LEU B 75 11.16 -12.94 -7.19
CA LEU B 75 10.95 -14.31 -6.74
C LEU B 75 9.80 -14.97 -7.51
N PHE B 76 8.62 -14.35 -7.45
CA PHE B 76 7.42 -14.88 -8.10
C PHE B 76 6.96 -13.86 -9.13
N PRO B 77 7.64 -13.77 -10.28
CA PRO B 77 7.23 -12.82 -11.32
C PRO B 77 6.04 -13.26 -12.15
N ASN B 78 5.63 -14.52 -12.03
CA ASN B 78 4.54 -15.05 -12.85
C ASN B 78 3.49 -15.80 -12.04
N LEU B 79 3.49 -15.65 -10.72
CA LEU B 79 2.42 -16.21 -9.90
C LEU B 79 1.13 -15.46 -10.20
N THR B 80 0.11 -16.19 -10.67
CA THR B 80 -1.11 -15.59 -11.16
C THR B 80 -2.31 -15.79 -10.25
N VAL B 81 -2.53 -16.99 -9.73
CA VAL B 81 -3.72 -17.28 -8.95
C VAL B 81 -3.37 -18.24 -7.81
N ILE B 82 -3.89 -17.94 -6.62
CA ILE B 82 -3.87 -18.86 -5.49
C ILE B 82 -5.26 -19.46 -5.36
N ARG B 83 -5.36 -20.78 -5.48
CA ARG B 83 -6.67 -21.43 -5.44
C ARG B 83 -7.28 -21.34 -4.05
N GLY B 84 -6.46 -21.21 -3.02
CA GLY B 84 -6.98 -21.04 -1.67
C GLY B 84 -7.86 -22.16 -1.18
N SER B 85 -7.55 -23.40 -1.55
CA SER B 85 -8.36 -24.53 -1.10
C SER B 85 -8.35 -24.63 0.42
N ARG B 86 -7.19 -24.47 1.03
CA ARG B 86 -7.09 -24.33 2.48
C ARG B 86 -6.83 -22.87 2.84
N LEU B 87 -6.96 -22.56 4.12
CA LEU B 87 -6.79 -21.20 4.61
C LEU B 87 -6.02 -21.19 5.91
N PHE B 88 -5.15 -20.19 6.06
CA PHE B 88 -4.40 -19.99 7.29
C PHE B 88 -5.19 -19.03 8.18
N PHE B 89 -6.10 -19.60 8.96
CA PHE B 89 -7.00 -18.81 9.81
C PHE B 89 -7.70 -17.75 8.99
N ASN B 90 -8.36 -18.20 7.92
CA ASN B 90 -9.09 -17.37 6.96
C ASN B 90 -8.16 -16.53 6.09
N TYR B 91 -6.85 -16.53 6.35
CA TYR B 91 -5.91 -15.74 5.57
C TYR B 91 -5.31 -16.59 4.46
N ALA B 92 -5.42 -16.11 3.22
CA ALA B 92 -4.91 -16.81 2.06
C ALA B 92 -3.56 -16.27 1.59
N LEU B 93 -3.07 -15.19 2.20
CA LEU B 93 -1.76 -14.64 1.86
C LEU B 93 -1.27 -13.83 3.06
N VAL B 94 -0.27 -14.36 3.76
CA VAL B 94 0.22 -13.77 5.00
C VAL B 94 1.63 -13.24 4.77
N ILE B 95 1.87 -12.03 5.27
CA ILE B 95 3.21 -11.41 5.24
C ILE B 95 3.39 -10.73 6.59
N PHE B 96 4.26 -11.27 7.43
CA PHE B 96 4.35 -10.88 8.83
C PHE B 96 5.80 -10.67 9.22
N GLU B 97 6.08 -9.55 9.87
CA GLU B 97 7.40 -9.25 10.41
C GLU B 97 8.50 -9.31 9.35
N MET B 98 8.16 -8.89 8.13
CA MET B 98 9.14 -8.76 7.07
C MET B 98 9.89 -7.44 7.24
N VAL B 99 11.16 -7.52 7.63
CA VAL B 99 11.89 -6.33 8.05
C VAL B 99 12.21 -5.46 6.85
N HIS B 100 13.01 -5.96 5.92
CA HIS B 100 13.48 -5.18 4.79
C HIS B 100 12.46 -5.06 3.66
N LEU B 101 11.25 -5.55 3.85
CA LEU B 101 10.24 -5.47 2.80
C LEU B 101 9.73 -4.04 2.68
N LYS B 102 9.66 -3.54 1.43
CA LYS B 102 9.16 -2.21 1.16
C LYS B 102 8.05 -2.19 0.13
N GLU B 103 7.72 -3.31 -0.49
CA GLU B 103 6.62 -3.39 -1.44
C GLU B 103 6.19 -4.84 -1.56
N LEU B 104 5.26 -5.11 -2.47
CA LEU B 104 4.72 -6.45 -2.67
C LEU B 104 5.36 -7.14 -3.87
N GLY B 105 5.30 -6.50 -5.03
CA GLY B 105 5.90 -7.04 -6.24
C GLY B 105 5.10 -8.15 -6.89
N LEU B 106 3.93 -8.50 -6.36
CA LEU B 106 3.10 -9.54 -6.94
C LEU B 106 2.10 -8.89 -7.92
N TYR B 107 2.66 -8.44 -9.04
CA TYR B 107 1.89 -7.73 -10.06
C TYR B 107 1.05 -8.67 -10.93
N ASN B 108 1.39 -9.96 -10.98
CA ASN B 108 0.68 -10.91 -11.83
C ASN B 108 -0.41 -11.69 -11.12
N LEU B 109 -0.50 -11.58 -9.80
CA LEU B 109 -1.62 -12.18 -9.07
C LEU B 109 -2.89 -11.39 -9.33
N MET B 110 -3.93 -12.08 -9.81
CA MET B 110 -5.17 -11.42 -10.20
C MET B 110 -6.41 -11.94 -9.48
N ASN B 111 -6.31 -13.02 -8.71
CA ASN B 111 -7.47 -13.54 -8.01
C ASN B 111 -7.02 -14.45 -6.88
N ILE B 112 -7.68 -14.33 -5.74
CA ILE B 112 -7.63 -15.32 -4.67
C ILE B 112 -9.02 -15.93 -4.60
N THR B 113 -9.11 -17.22 -4.91
CA THR B 113 -10.42 -17.85 -4.97
C THR B 113 -11.14 -17.77 -3.63
N ARG B 114 -10.41 -18.02 -2.54
CA ARG B 114 -11.03 -18.11 -1.22
C ARG B 114 -10.03 -17.70 -0.15
N GLY B 115 -10.47 -16.81 0.75
CA GLY B 115 -9.71 -16.41 1.92
C GLY B 115 -9.58 -14.90 2.03
N SER B 116 -8.64 -14.49 2.89
CA SER B 116 -8.35 -13.09 3.18
C SER B 116 -6.86 -12.85 3.08
N VAL B 117 -6.48 -11.58 3.13
CA VAL B 117 -5.07 -11.17 3.06
C VAL B 117 -4.74 -10.41 4.33
N ARG B 118 -3.69 -10.84 5.02
CA ARG B 118 -3.25 -10.25 6.27
C ARG B 118 -1.79 -9.86 6.17
N ILE B 119 -1.50 -8.58 6.33
CA ILE B 119 -0.15 -8.05 6.26
C ILE B 119 0.03 -7.11 7.45
N GLU B 120 0.82 -7.53 8.43
CA GLU B 120 0.90 -6.84 9.71
C GLU B 120 2.34 -6.74 10.17
N LYS B 121 2.69 -5.60 10.76
CA LYS B 121 3.95 -5.40 11.48
C LYS B 121 5.15 -5.59 10.55
N ASN B 122 5.20 -4.75 9.52
CA ASN B 122 6.35 -4.66 8.62
C ASN B 122 6.79 -3.20 8.59
N ASN B 123 7.70 -2.85 9.50
CA ASN B 123 8.01 -1.45 9.78
C ASN B 123 8.58 -0.71 8.58
N GLU B 124 9.03 -1.41 7.54
CA GLU B 124 9.56 -0.77 6.34
C GLU B 124 8.66 -0.95 5.13
N LEU B 125 7.44 -1.46 5.31
CA LEU B 125 6.59 -1.84 4.20
C LEU B 125 5.82 -0.63 3.70
N CYS B 126 6.05 -0.28 2.44
CA CYS B 126 5.25 0.68 1.71
C CYS B 126 4.48 -0.05 0.62
N TYR B 127 3.78 0.71 -0.23
CA TYR B 127 3.00 0.14 -1.32
C TYR B 127 1.96 -0.86 -0.81
N LEU B 128 1.41 -0.59 0.37
CA LEU B 128 0.45 -1.49 1.01
C LEU B 128 -0.97 -0.97 1.00
N ALA B 129 -1.17 0.33 1.18
CA ALA B 129 -2.50 0.92 1.14
C ALA B 129 -2.92 1.35 -0.26
N THR B 130 -2.01 1.28 -1.23
CA THR B 130 -2.29 1.69 -2.60
C THR B 130 -2.80 0.55 -3.47
N ILE B 131 -3.38 -0.49 -2.86
CA ILE B 131 -3.89 -1.63 -3.60
C ILE B 131 -5.31 -1.93 -3.13
N ASP B 132 -6.19 -2.23 -4.08
CA ASP B 132 -7.58 -2.54 -3.78
C ASP B 132 -7.79 -4.05 -3.85
N TRP B 133 -8.11 -4.65 -2.71
CA TRP B 133 -8.31 -6.09 -2.64
C TRP B 133 -9.71 -6.51 -3.07
N SER B 134 -10.59 -5.56 -3.37
CA SER B 134 -11.92 -5.92 -3.87
C SER B 134 -11.81 -6.57 -5.24
N ARG B 135 -11.02 -5.97 -6.13
CA ARG B 135 -10.82 -6.57 -7.44
C ARG B 135 -9.91 -7.79 -7.38
N ILE B 136 -9.41 -8.15 -6.21
CA ILE B 136 -8.54 -9.30 -6.04
C ILE B 136 -9.18 -10.37 -5.17
N LEU B 137 -9.83 -9.97 -4.08
CA LEU B 137 -10.49 -10.88 -3.17
C LEU B 137 -12.00 -10.66 -3.19
N ASP B 138 -12.72 -11.73 -2.87
CA ASP B 138 -14.19 -11.65 -2.80
C ASP B 138 -14.63 -11.06 -1.47
N SER B 139 -14.10 -11.57 -0.36
CA SER B 139 -14.45 -11.11 0.99
C SER B 139 -13.23 -10.43 1.60
N VAL B 140 -13.27 -9.09 1.69
CA VAL B 140 -12.18 -8.32 2.27
C VAL B 140 -12.50 -7.83 3.68
N GLU B 141 -13.65 -8.22 4.23
CA GLU B 141 -13.98 -7.77 5.58
C GLU B 141 -12.96 -8.26 6.59
N ASP B 142 -12.50 -9.49 6.44
CA ASP B 142 -11.39 -9.99 7.25
C ASP B 142 -10.09 -9.59 6.58
N ASN B 143 -9.26 -8.83 7.28
CA ASN B 143 -7.94 -8.45 6.77
C ASN B 143 -7.20 -7.69 7.87
N TYR B 144 -5.95 -7.36 7.59
CA TYR B 144 -5.09 -6.68 8.56
C TYR B 144 -4.06 -5.86 7.80
N ILE B 145 -4.10 -4.55 7.98
CA ILE B 145 -3.04 -3.65 7.53
C ILE B 145 -2.75 -2.72 8.70
N VAL B 146 -1.78 -3.09 9.53
CA VAL B 146 -1.47 -2.34 10.75
C VAL B 146 0.02 -2.43 11.00
N LEU B 147 0.52 -1.50 11.81
CA LEU B 147 1.92 -1.49 12.22
C LEU B 147 2.84 -1.51 11.01
N ASN B 148 2.50 -0.71 10.01
CA ASN B 148 3.24 -0.64 8.75
C ASN B 148 3.71 0.78 8.52
N LYS B 149 4.77 0.91 7.72
CA LYS B 149 5.34 2.23 7.48
C LYS B 149 4.36 3.15 6.76
N ASP B 150 3.49 2.60 5.93
CA ASP B 150 2.54 3.42 5.20
C ASP B 150 1.40 3.91 6.09
N ASP B 151 1.12 3.22 7.19
CA ASP B 151 0.06 3.65 8.08
C ASP B 151 0.49 4.74 9.05
N ASN B 152 1.80 4.92 9.24
CA ASN B 152 2.32 5.86 10.23
C ASN B 152 3.26 6.89 9.65
N GLU B 153 4.11 6.51 8.70
CA GLU B 153 5.10 7.42 8.14
C GLU B 153 4.66 8.08 6.85
N GLU B 154 3.53 7.66 6.27
CA GLU B 154 3.07 8.19 4.98
C GLU B 154 4.12 7.96 3.90
N CYS B 155 4.35 6.68 3.60
CA CYS B 155 5.36 6.28 2.64
C CYS B 155 5.29 7.07 1.35
N GLY B 156 4.08 7.44 0.91
CA GLY B 156 3.92 8.05 -0.39
C GLY B 156 3.92 6.97 -1.46
N ASP B 157 5.06 6.32 -1.65
CA ASP B 157 5.21 5.17 -2.54
C ASP B 157 4.41 5.36 -3.84
N ILE B 158 4.76 6.45 -4.55
CA ILE B 158 3.98 6.80 -5.73
C ILE B 158 4.05 5.67 -6.77
N CYS B 159 3.05 5.64 -7.63
CA CYS B 159 2.90 4.63 -8.66
C CYS B 159 3.49 5.12 -9.99
N PRO B 160 3.80 4.21 -10.91
CA PRO B 160 4.25 4.64 -12.24
C PRO B 160 3.26 5.59 -12.88
N GLY B 161 3.68 6.84 -13.10
CA GLY B 161 2.82 7.85 -13.68
C GLY B 161 3.48 8.65 -14.77
N THR B 162 4.37 8.02 -15.52
CA THR B 162 5.08 8.68 -16.61
C THR B 162 4.13 9.07 -17.73
N ASN B 168 -0.45 6.56 -14.44
CA ASN B 168 -0.99 5.74 -15.52
C ASN B 168 -1.64 4.47 -14.98
N CYS B 169 -1.36 4.16 -13.72
CA CYS B 169 -1.93 2.97 -13.12
C CYS B 169 -3.44 3.11 -12.97
N PRO B 170 -4.18 2.00 -13.03
CA PRO B 170 -5.64 2.08 -12.85
C PRO B 170 -5.97 2.55 -11.44
N ALA B 171 -6.89 3.51 -11.35
CA ALA B 171 -7.27 4.12 -10.09
C ALA B 171 -8.66 3.62 -9.71
N THR B 172 -8.73 2.84 -8.64
CA THR B 172 -9.99 2.28 -8.18
C THR B 172 -10.59 3.16 -7.10
N VAL B 173 -11.87 2.91 -6.81
CA VAL B 173 -12.62 3.66 -5.83
C VAL B 173 -13.00 2.72 -4.69
N ILE B 174 -12.76 3.18 -3.46
CA ILE B 174 -13.20 2.47 -2.27
C ILE B 174 -14.25 3.35 -1.59
N ASN B 175 -14.79 2.88 -0.46
CA ASN B 175 -15.92 3.54 0.18
C ASN B 175 -15.83 5.06 0.12
N GLY B 176 -14.71 5.62 0.58
CA GLY B 176 -14.54 7.05 0.61
C GLY B 176 -13.31 7.57 -0.11
N GLN B 177 -12.37 6.69 -0.44
CA GLN B 177 -11.08 7.08 -0.98
C GLN B 177 -10.97 6.71 -2.45
N PHE B 178 -9.95 7.29 -3.10
CA PHE B 178 -9.72 7.08 -4.52
C PHE B 178 -8.22 7.27 -4.77
N VAL B 179 -7.50 6.16 -4.90
CA VAL B 179 -6.05 6.18 -5.06
C VAL B 179 -5.67 5.20 -6.15
N GLU B 180 -4.57 5.50 -6.83
CA GLU B 180 -4.10 4.62 -7.89
C GLU B 180 -3.69 3.28 -7.31
N ARG B 181 -3.55 2.29 -8.18
CA ARG B 181 -3.28 0.92 -7.79
C ARG B 181 -1.95 0.48 -8.41
N CYS B 182 -0.97 0.20 -7.54
CA CYS B 182 0.32 -0.28 -8.00
C CYS B 182 0.96 -1.12 -6.92
N TRP B 183 1.71 -2.14 -7.34
CA TRP B 183 2.44 -2.99 -6.41
C TRP B 183 3.83 -2.46 -6.13
N THR B 184 4.54 -2.02 -7.16
CA THR B 184 5.84 -1.39 -7.01
C THR B 184 5.84 -0.03 -7.69
N HIS B 185 7.00 0.61 -7.76
CA HIS B 185 7.16 1.80 -8.56
C HIS B 185 7.33 1.49 -10.05
N SER B 186 7.11 0.23 -10.45
CA SER B 186 7.27 -0.16 -11.84
C SER B 186 6.19 -1.12 -12.32
N HIS B 187 5.13 -1.33 -11.53
CA HIS B 187 4.09 -2.30 -11.88
C HIS B 187 2.73 -1.75 -11.47
N CYS B 188 1.87 -1.51 -12.45
CA CYS B 188 0.51 -1.07 -12.17
C CYS B 188 -0.40 -2.29 -11.94
N GLN B 189 -1.25 -2.18 -10.93
CA GLN B 189 -2.19 -3.27 -10.61
C GLN B 189 -3.37 -3.22 -11.58
N LYS B 190 -3.51 -4.27 -12.38
CA LYS B 190 -4.58 -4.31 -13.37
C LYS B 190 -5.92 -4.69 -12.72
N VAL B 191 -6.98 -4.06 -13.20
CA VAL B 191 -8.34 -4.34 -12.75
C VAL B 191 -9.24 -4.37 -13.98
N CYS B 192 -10.16 -5.32 -14.02
CA CYS B 192 -10.97 -5.58 -15.20
C CYS B 192 -12.45 -5.38 -14.92
N PRO B 193 -13.26 -5.18 -15.96
CA PRO B 193 -14.70 -5.01 -15.74
C PRO B 193 -15.33 -6.23 -15.09
N THR B 194 -16.42 -5.99 -14.37
CA THR B 194 -17.09 -7.01 -13.58
C THR B 194 -17.79 -8.07 -14.43
N ILE B 195 -17.95 -7.82 -15.74
CA ILE B 195 -18.70 -8.75 -16.58
C ILE B 195 -18.16 -10.17 -16.45
N CYS B 196 -16.84 -10.31 -16.36
CA CYS B 196 -16.21 -11.62 -16.22
C CYS B 196 -15.21 -11.59 -15.08
N LYS B 197 -15.69 -11.18 -13.92
CA LYS B 197 -14.93 -11.03 -12.68
C LYS B 197 -13.87 -12.11 -12.46
N SER B 198 -14.17 -13.36 -12.79
CA SER B 198 -13.24 -14.46 -12.54
C SER B 198 -12.59 -15.05 -13.78
N HIS B 199 -13.09 -14.76 -14.98
CA HIS B 199 -12.58 -15.44 -16.16
C HIS B 199 -11.13 -15.09 -16.42
N GLY B 200 -10.78 -13.81 -16.31
CA GLY B 200 -9.47 -13.31 -16.65
C GLY B 200 -9.54 -12.10 -17.55
N CYS B 201 -8.39 -11.74 -18.12
CA CYS B 201 -8.25 -10.46 -18.78
C CYS B 201 -7.17 -10.57 -19.85
N THR B 202 -7.14 -9.58 -20.74
CA THR B 202 -6.03 -9.37 -21.66
C THR B 202 -5.53 -7.93 -21.52
N ALA B 203 -4.52 -7.59 -22.32
CA ALA B 203 -4.00 -6.22 -22.32
C ALA B 203 -4.97 -5.24 -22.99
N GLU B 204 -5.64 -5.67 -24.05
CA GLU B 204 -6.58 -4.81 -24.76
C GLU B 204 -7.95 -4.75 -24.11
N GLY B 205 -8.16 -5.45 -22.99
CA GLY B 205 -9.44 -5.48 -22.34
C GLY B 205 -10.38 -6.58 -22.80
N LEU B 206 -10.04 -7.29 -23.88
CA LEU B 206 -10.84 -8.44 -24.27
C LEU B 206 -10.85 -9.45 -23.14
N CYS B 207 -12.04 -9.90 -22.76
CA CYS B 207 -12.16 -10.75 -21.60
C CYS B 207 -11.73 -12.18 -21.92
N CYS B 208 -11.29 -12.90 -20.89
CA CYS B 208 -10.80 -14.25 -21.05
C CYS B 208 -11.96 -15.23 -21.18
N HIS B 209 -11.63 -16.50 -21.39
CA HIS B 209 -12.64 -17.54 -21.49
C HIS B 209 -13.21 -17.87 -20.12
N SER B 210 -14.43 -18.40 -20.14
CA SER B 210 -15.10 -18.74 -18.88
C SER B 210 -14.34 -19.81 -18.12
N GLU B 211 -13.60 -20.66 -18.82
CA GLU B 211 -12.84 -21.72 -18.16
C GLU B 211 -11.53 -21.21 -17.57
N CYS B 212 -10.97 -20.14 -18.12
CA CYS B 212 -9.73 -19.60 -17.57
C CYS B 212 -10.01 -18.94 -16.23
N LEU B 213 -8.92 -18.62 -15.51
CA LEU B 213 -9.02 -17.97 -14.22
C LEU B 213 -7.92 -16.93 -14.11
N GLY B 214 -8.30 -15.69 -13.90
CA GLY B 214 -7.33 -14.62 -13.67
C GLY B 214 -6.75 -14.00 -14.92
N ASN B 215 -6.33 -14.82 -15.87
CA ASN B 215 -5.67 -14.30 -17.06
C ASN B 215 -5.51 -15.41 -18.08
N CYS B 216 -5.45 -15.03 -19.35
CA CYS B 216 -5.21 -15.96 -20.43
C CYS B 216 -4.40 -15.26 -21.52
N SER B 217 -3.58 -16.04 -22.23
CA SER B 217 -2.75 -15.48 -23.28
C SER B 217 -3.54 -15.20 -24.55
N GLN B 218 -4.71 -15.81 -24.72
CA GLN B 218 -5.54 -15.61 -25.90
C GLN B 218 -6.97 -15.36 -25.50
N PRO B 219 -7.64 -14.37 -26.10
CA PRO B 219 -8.99 -14.00 -25.66
C PRO B 219 -10.00 -15.08 -26.03
N ASP B 220 -10.82 -15.47 -25.05
CA ASP B 220 -11.91 -16.42 -25.25
C ASP B 220 -11.38 -17.75 -25.79
N ASP B 221 -10.45 -18.34 -25.05
CA ASP B 221 -9.87 -19.61 -25.43
C ASP B 221 -9.67 -20.45 -24.17
N PRO B 222 -10.31 -21.62 -24.05
CA PRO B 222 -10.10 -22.46 -22.87
C PRO B 222 -8.80 -23.25 -22.88
N THR B 223 -7.96 -23.08 -23.89
CA THR B 223 -6.70 -23.79 -24.00
C THR B 223 -5.51 -22.94 -23.57
N LYS B 224 -5.51 -21.66 -23.91
CA LYS B 224 -4.40 -20.77 -23.62
C LYS B 224 -4.54 -20.07 -22.27
N CYS B 225 -5.31 -20.64 -21.36
CA CYS B 225 -5.50 -20.02 -20.06
C CYS B 225 -4.21 -20.08 -19.26
N VAL B 226 -4.00 -19.08 -18.40
CA VAL B 226 -2.90 -19.15 -17.46
C VAL B 226 -3.24 -20.06 -16.29
N ALA B 227 -4.46 -19.95 -15.78
CA ALA B 227 -4.97 -20.83 -14.75
C ALA B 227 -6.44 -21.14 -15.04
N CYS B 228 -6.86 -22.34 -14.66
CA CYS B 228 -8.20 -22.82 -14.97
C CYS B 228 -9.17 -22.50 -13.85
N ARG B 229 -10.31 -21.89 -14.20
CA ARG B 229 -11.37 -21.67 -13.23
C ARG B 229 -11.91 -22.98 -12.69
N ASN B 230 -12.45 -23.81 -13.58
CA ASN B 230 -12.96 -25.12 -13.23
C ASN B 230 -11.87 -26.16 -13.41
N PHE B 231 -12.25 -27.44 -13.39
CA PHE B 231 -11.26 -28.51 -13.47
C PHE B 231 -10.48 -28.42 -14.77
N TYR B 232 -9.18 -28.71 -14.67
CA TYR B 232 -8.27 -28.68 -15.79
C TYR B 232 -8.05 -30.09 -16.32
N LEU B 233 -7.80 -30.19 -17.63
CA LEU B 233 -7.46 -31.49 -18.23
C LEU B 233 -6.80 -31.27 -19.58
N ASP B 234 -5.54 -31.69 -19.70
CA ASP B 234 -4.86 -31.84 -20.98
C ASP B 234 -4.82 -30.52 -21.75
N GLY B 235 -4.12 -29.55 -21.18
CA GLY B 235 -3.86 -28.31 -21.89
C GLY B 235 -5.08 -27.50 -22.21
N ARG B 236 -6.21 -27.79 -21.56
CA ARG B 236 -7.44 -27.05 -21.82
C ARG B 236 -8.29 -27.08 -20.56
N CYS B 237 -8.74 -25.90 -20.12
CA CYS B 237 -9.62 -25.83 -18.97
C CYS B 237 -11.03 -26.22 -19.39
N VAL B 238 -11.63 -27.13 -18.63
CA VAL B 238 -12.96 -27.66 -18.94
C VAL B 238 -13.91 -27.33 -17.80
N GLU B 239 -15.20 -27.23 -18.15
CA GLU B 239 -16.20 -27.05 -17.12
C GLU B 239 -16.37 -28.34 -16.31
N THR B 240 -16.33 -29.49 -16.98
CA THR B 240 -16.38 -30.78 -16.31
C THR B 240 -15.70 -31.78 -17.24
N CYS B 241 -14.71 -32.50 -16.71
CA CYS B 241 -13.96 -33.45 -17.54
C CYS B 241 -14.85 -34.60 -17.96
N PRO B 242 -14.84 -35.00 -19.23
CA PRO B 242 -15.63 -36.15 -19.65
C PRO B 242 -15.09 -37.43 -19.04
N PRO B 243 -15.87 -38.51 -19.07
CA PRO B 243 -15.35 -39.80 -18.60
C PRO B 243 -14.17 -40.24 -19.43
N PRO B 244 -13.29 -41.11 -18.89
CA PRO B 244 -13.40 -41.68 -17.54
C PRO B 244 -12.62 -40.87 -16.51
N TYR B 245 -12.08 -39.73 -16.90
CA TYR B 245 -11.27 -38.95 -15.97
C TYR B 245 -12.14 -38.43 -14.83
N TYR B 246 -11.54 -38.39 -13.65
CA TYR B 246 -12.22 -37.97 -12.44
C TYR B 246 -11.55 -36.72 -11.88
N HIS B 247 -12.36 -35.87 -11.24
CA HIS B 247 -11.87 -34.61 -10.69
C HIS B 247 -11.01 -34.90 -9.47
N PHE B 248 -9.89 -34.18 -9.39
CA PHE B 248 -8.93 -34.38 -8.32
C PHE B 248 -8.42 -33.03 -7.84
N GLN B 249 -8.48 -32.81 -6.53
CA GLN B 249 -8.15 -31.53 -5.91
C GLN B 249 -8.96 -30.39 -6.52
N ASP B 250 -10.10 -30.72 -7.12
CA ASP B 250 -11.09 -29.76 -7.60
C ASP B 250 -10.55 -28.80 -8.65
N TRP B 251 -9.36 -29.06 -9.18
CA TRP B 251 -8.76 -28.16 -10.17
C TRP B 251 -8.17 -28.86 -11.40
N ARG B 252 -7.81 -30.13 -11.33
CA ARG B 252 -7.34 -30.85 -12.50
C ARG B 252 -7.85 -32.27 -12.42
N CYS B 253 -8.36 -32.77 -13.55
CA CYS B 253 -8.96 -34.09 -13.62
C CYS B 253 -7.88 -35.13 -13.92
N VAL B 254 -7.94 -36.24 -13.18
CA VAL B 254 -7.02 -37.35 -13.35
C VAL B 254 -7.83 -38.58 -13.75
N ASN B 255 -7.18 -39.49 -14.48
CA ASN B 255 -7.80 -40.76 -14.82
C ASN B 255 -7.64 -41.75 -13.66
N PHE B 256 -8.30 -42.90 -13.82
CA PHE B 256 -8.26 -43.90 -12.75
C PHE B 256 -6.84 -44.30 -12.42
N SER B 257 -5.99 -44.45 -13.44
CA SER B 257 -4.63 -44.91 -13.21
C SER B 257 -3.82 -43.94 -12.36
N PHE B 258 -4.09 -42.65 -12.48
CA PHE B 258 -3.30 -41.66 -11.75
C PHE B 258 -3.62 -41.68 -10.26
N CYS B 259 -4.86 -41.39 -9.89
CA CYS B 259 -5.21 -41.38 -8.48
C CYS B 259 -5.19 -42.77 -7.87
N GLN B 260 -4.95 -43.81 -8.68
CA GLN B 260 -4.71 -45.14 -8.13
C GLN B 260 -3.32 -45.21 -7.53
N ASP B 261 -2.31 -44.76 -8.27
CA ASP B 261 -0.94 -44.81 -7.76
C ASP B 261 -0.79 -43.96 -6.50
N LEU B 262 -1.44 -42.80 -6.47
CA LEU B 262 -1.40 -41.96 -5.27
C LEU B 262 -1.93 -42.71 -4.07
N HIS B 263 -2.89 -43.63 -4.29
CA HIS B 263 -3.44 -44.39 -3.17
C HIS B 263 -2.44 -45.42 -2.67
N HIS B 264 -1.94 -46.27 -3.56
CA HIS B 264 -1.05 -47.35 -3.12
C HIS B 264 0.28 -46.80 -2.61
N LYS B 265 0.75 -45.69 -3.17
CA LYS B 265 2.09 -45.22 -2.85
C LYS B 265 2.22 -44.90 -1.37
N CYS B 266 1.43 -43.95 -0.88
CA CYS B 266 1.50 -43.60 0.54
C CYS B 266 0.74 -44.58 1.42
N LYS B 267 0.02 -45.53 0.82
CA LYS B 267 -0.66 -46.55 1.62
C LYS B 267 0.35 -47.42 2.35
N ASN B 268 1.48 -47.71 1.71
CA ASN B 268 2.54 -48.53 2.29
C ASN B 268 3.73 -47.72 2.78
N SER B 269 4.15 -46.73 2.00
CA SER B 269 5.33 -45.94 2.38
C SER B 269 5.03 -45.05 3.58
N ARG B 270 3.81 -44.51 3.64
CA ARG B 270 3.42 -43.59 4.71
C ARG B 270 4.42 -42.44 4.83
N ARG B 271 4.79 -41.89 3.67
CA ARG B 271 5.79 -40.82 3.65
C ARG B 271 5.27 -39.60 4.40
N GLN B 272 4.04 -39.18 4.09
CA GLN B 272 3.37 -38.10 4.82
C GLN B 272 1.93 -38.48 5.12
N GLY B 273 1.56 -39.74 4.95
CA GLY B 273 0.18 -40.17 5.14
C GLY B 273 -0.72 -39.46 4.16
N CYS B 274 -0.44 -39.59 2.86
CA CYS B 274 -1.21 -38.86 1.88
C CYS B 274 -2.62 -39.41 1.80
N HIS B 275 -3.48 -38.70 1.08
CA HIS B 275 -4.87 -39.11 0.96
C HIS B 275 -4.98 -40.32 0.04
N GLN B 276 -5.70 -41.35 0.51
CA GLN B 276 -6.02 -42.51 -0.30
C GLN B 276 -7.24 -42.16 -1.15
N TYR B 277 -6.99 -41.49 -2.26
CA TYR B 277 -8.07 -40.93 -3.06
C TYR B 277 -8.97 -42.03 -3.59
N VAL B 278 -10.28 -41.83 -3.44
CA VAL B 278 -11.28 -42.76 -3.94
C VAL B 278 -12.15 -42.03 -4.95
N ILE B 279 -12.75 -42.80 -5.84
CA ILE B 279 -13.54 -42.26 -6.95
C ILE B 279 -15.01 -42.33 -6.52
N HIS B 280 -15.48 -41.24 -5.92
CA HIS B 280 -16.89 -41.06 -5.63
C HIS B 280 -17.34 -39.78 -6.33
N ASN B 281 -18.61 -39.75 -6.72
CA ASN B 281 -19.15 -38.61 -7.44
C ASN B 281 -18.32 -38.32 -8.68
N ASN B 282 -17.70 -39.36 -9.26
CA ASN B 282 -16.81 -39.22 -10.40
C ASN B 282 -15.74 -38.17 -10.13
N LYS B 283 -15.05 -38.31 -9.00
CA LYS B 283 -13.94 -37.43 -8.67
C LYS B 283 -13.06 -38.11 -7.63
N CYS B 284 -11.76 -38.19 -7.93
CA CYS B 284 -10.81 -38.78 -6.99
C CYS B 284 -10.70 -37.86 -5.78
N ILE B 285 -11.37 -38.23 -4.69
CA ILE B 285 -11.51 -37.39 -3.50
C ILE B 285 -10.70 -38.06 -2.41
N PRO B 286 -9.99 -37.31 -1.54
CA PRO B 286 -9.29 -37.97 -0.45
C PRO B 286 -10.14 -39.03 0.21
N GLU B 287 -11.32 -38.66 0.71
CA GLU B 287 -12.22 -39.63 1.33
C GLU B 287 -13.60 -39.51 0.72
N CYS B 288 -14.23 -40.64 0.47
CA CYS B 288 -15.58 -40.63 -0.12
C CYS B 288 -16.57 -40.22 0.97
N PRO B 289 -17.58 -39.42 0.63
CA PRO B 289 -18.46 -38.87 1.67
C PRO B 289 -19.23 -39.95 2.41
N SER B 290 -19.83 -39.51 3.52
CA SER B 290 -20.60 -40.38 4.39
C SER B 290 -21.75 -41.04 3.64
N GLY B 291 -22.16 -42.21 4.15
CA GLY B 291 -23.11 -43.05 3.47
C GLY B 291 -22.52 -43.78 2.29
N TYR B 292 -21.19 -43.76 2.14
CA TYR B 292 -20.49 -44.42 1.06
C TYR B 292 -19.18 -44.96 1.60
N THR B 293 -18.76 -46.12 1.09
CA THR B 293 -17.51 -46.75 1.46
C THR B 293 -16.85 -47.32 0.22
N MET B 294 -15.59 -47.70 0.34
CA MET B 294 -14.90 -48.26 -0.82
C MET B 294 -15.33 -49.71 -1.04
N ASN B 295 -15.07 -50.20 -2.25
CA ASN B 295 -15.43 -51.56 -2.63
C ASN B 295 -14.48 -52.60 -2.03
N SER B 296 -13.42 -52.17 -1.36
CA SER B 296 -12.43 -53.06 -0.74
C SER B 296 -11.60 -53.80 -1.78
N SER B 297 -11.93 -53.66 -3.07
CA SER B 297 -11.12 -54.24 -4.13
C SER B 297 -10.71 -53.22 -5.17
N ASN B 298 -11.59 -52.30 -5.53
CA ASN B 298 -11.28 -51.15 -6.38
C ASN B 298 -11.63 -49.89 -5.62
N LEU B 299 -11.05 -48.77 -6.05
CA LEU B 299 -11.24 -47.54 -5.31
C LEU B 299 -12.62 -46.91 -5.47
N LEU B 300 -13.46 -47.44 -6.36
CA LEU B 300 -14.78 -46.83 -6.53
C LEU B 300 -15.60 -47.04 -5.27
N CYS B 301 -15.98 -45.95 -4.61
CA CYS B 301 -16.80 -46.07 -3.40
C CYS B 301 -18.18 -46.62 -3.75
N THR B 302 -18.82 -47.21 -2.74
CA THR B 302 -20.15 -47.77 -2.85
C THR B 302 -20.97 -47.40 -1.62
N PRO B 303 -22.25 -47.07 -1.81
CA PRO B 303 -23.10 -46.73 -0.66
C PRO B 303 -23.40 -47.94 0.20
N CYS B 304 -23.09 -47.81 1.49
CA CYS B 304 -23.46 -48.80 2.49
C CYS B 304 -24.98 -48.87 2.62
N LEU B 305 -25.44 -49.94 3.26
CA LEU B 305 -26.79 -50.46 3.10
C LEU B 305 -27.83 -49.34 3.15
N GLY B 306 -28.03 -48.73 4.32
CA GLY B 306 -28.42 -47.35 4.39
C GLY B 306 -27.59 -46.57 5.40
N PRO B 307 -27.25 -47.21 6.52
CA PRO B 307 -26.07 -46.82 7.30
C PRO B 307 -24.85 -47.67 6.96
N ASN B 594 -35.71 -4.79 19.15
CA ASN B 594 -34.97 -4.23 18.02
C ASN B 594 -33.63 -4.94 17.86
N PRO B 595 -33.20 -5.20 16.62
CA PRO B 595 -31.89 -5.83 16.42
C PRO B 595 -30.74 -4.94 16.85
N SER B 596 -29.52 -5.42 16.67
CA SER B 596 -28.32 -4.64 16.96
C SER B 596 -27.86 -3.93 15.69
N VAL B 597 -26.71 -3.29 15.76
CA VAL B 597 -26.23 -2.50 14.62
C VAL B 597 -25.81 -3.44 13.49
N PRO B 598 -26.17 -3.16 12.24
CA PRO B 598 -25.66 -3.97 11.13
C PRO B 598 -24.14 -3.91 11.07
N LEU B 599 -23.51 -5.08 10.96
CA LEU B 599 -22.07 -5.20 11.12
C LEU B 599 -21.32 -4.76 9.85
N ASP B 600 -20.22 -4.05 10.07
CA ASP B 600 -19.20 -3.64 9.10
C ASP B 600 -19.73 -3.45 7.68
N PRO B 601 -20.66 -2.52 7.45
CA PRO B 601 -21.16 -2.31 6.08
C PRO B 601 -20.15 -1.49 5.28
N ILE B 602 -19.45 -2.15 4.37
CA ILE B 602 -18.52 -1.49 3.47
C ILE B 602 -19.18 -1.33 2.10
N SER B 603 -18.64 -0.41 1.30
CA SER B 603 -19.21 -0.08 0.01
C SER B 603 -18.10 0.05 -1.03
N VAL B 604 -18.34 -0.49 -2.22
CA VAL B 604 -17.46 -0.34 -3.36
C VAL B 604 -18.27 0.20 -4.53
N SER B 605 -17.62 1.00 -5.37
CA SER B 605 -18.24 1.56 -6.57
C SER B 605 -17.46 1.12 -7.80
N ASN B 606 -18.13 0.38 -8.70
CA ASN B 606 -17.52 -0.06 -9.94
C ASN B 606 -18.01 0.75 -11.13
N SER B 607 -18.61 1.92 -10.90
CA SER B 607 -19.09 2.77 -11.97
C SER B 607 -19.37 4.15 -11.41
N SER B 608 -19.50 5.12 -12.32
CA SER B 608 -19.77 6.50 -11.92
C SER B 608 -21.20 6.70 -11.42
N SER B 609 -22.14 5.87 -11.86
CA SER B 609 -23.53 5.98 -11.42
C SER B 609 -23.98 4.78 -10.60
N GLN B 610 -23.06 3.93 -10.15
CA GLN B 610 -23.38 2.72 -9.42
C GLN B 610 -22.55 2.61 -8.16
N ILE B 611 -23.07 1.85 -7.20
CA ILE B 611 -22.36 1.56 -5.96
C ILE B 611 -22.78 0.17 -5.50
N ILE B 612 -21.80 -0.65 -5.15
CA ILE B 612 -22.06 -1.96 -4.56
C ILE B 612 -21.92 -1.85 -3.05
N LEU B 613 -23.02 -2.06 -2.35
CA LEU B 613 -23.07 -1.94 -0.90
C LEU B 613 -23.18 -3.34 -0.29
N LYS B 614 -22.16 -3.74 0.46
CA LYS B 614 -22.14 -5.05 1.09
C LYS B 614 -22.02 -4.87 2.60
N TRP B 615 -22.57 -5.83 3.34
CA TRP B 615 -22.56 -5.76 4.79
C TRP B 615 -22.75 -7.15 5.37
N LYS B 616 -22.85 -7.21 6.69
CA LYS B 616 -23.04 -8.46 7.42
C LYS B 616 -24.21 -8.32 8.39
N PRO B 617 -25.01 -9.38 8.57
CA PRO B 617 -26.13 -9.29 9.50
C PRO B 617 -25.67 -8.89 10.89
N PRO B 618 -26.49 -8.17 11.63
CA PRO B 618 -26.08 -7.70 12.97
C PRO B 618 -25.80 -8.85 13.91
N SER B 619 -24.96 -8.58 14.91
CA SER B 619 -24.61 -9.61 15.89
C SER B 619 -25.82 -10.08 16.69
N ASP B 620 -26.77 -9.20 16.98
CA ASP B 620 -27.96 -9.55 17.76
C ASP B 620 -29.19 -9.18 16.95
N PRO B 621 -29.65 -10.07 16.07
CA PRO B 621 -30.88 -9.76 15.32
C PRO B 621 -32.11 -9.59 16.19
N ASN B 622 -32.15 -10.22 17.37
CA ASN B 622 -33.23 -10.01 18.33
C ASN B 622 -34.58 -10.26 17.65
N GLY B 623 -34.61 -11.26 16.80
CA GLY B 623 -35.79 -11.60 16.01
C GLY B 623 -35.41 -12.09 14.63
N ASN B 624 -36.35 -12.78 14.00
CA ASN B 624 -36.20 -13.24 12.62
C ASN B 624 -36.19 -12.05 11.67
N ILE B 625 -35.01 -11.72 11.13
CA ILE B 625 -34.84 -10.53 10.32
C ILE B 625 -35.70 -10.62 9.07
N THR B 626 -36.71 -9.74 8.99
CA THR B 626 -37.60 -9.74 7.83
C THR B 626 -36.91 -9.12 6.62
N HIS B 627 -36.53 -7.86 6.73
CA HIS B 627 -35.85 -7.15 5.65
C HIS B 627 -34.90 -6.13 6.24
N TYR B 628 -33.91 -5.74 5.44
CA TYR B 628 -32.94 -4.72 5.84
C TYR B 628 -33.40 -3.36 5.32
N LEU B 629 -33.14 -2.33 6.12
CA LEU B 629 -33.55 -0.96 5.81
C LEU B 629 -32.32 -0.11 5.54
N VAL B 630 -32.28 0.53 4.38
CA VAL B 630 -31.14 1.32 3.94
C VAL B 630 -31.60 2.74 3.62
N PHE B 631 -30.92 3.73 4.20
CA PHE B 631 -31.10 5.12 3.85
C PHE B 631 -29.76 5.66 3.36
N TRP B 632 -29.79 6.59 2.41
CA TRP B 632 -28.57 7.20 1.92
C TRP B 632 -28.86 8.63 1.50
N GLU B 633 -27.90 9.51 1.74
CA GLU B 633 -28.02 10.92 1.39
C GLU B 633 -26.68 11.47 0.94
N ARG B 634 -26.74 12.46 0.05
CA ARG B 634 -25.54 13.06 -0.52
C ARG B 634 -24.81 13.89 0.54
N GLN B 635 -23.56 13.56 0.78
CA GLN B 635 -22.75 14.32 1.71
C GLN B 635 -22.39 15.67 1.10
N ALA B 636 -21.94 16.58 1.97
CA ALA B 636 -21.44 17.88 1.56
C ALA B 636 -19.94 17.92 1.79
N GLU B 637 -19.20 18.39 0.78
CA GLU B 637 -17.75 18.43 0.90
C GLU B 637 -17.33 19.41 1.99
N ASP B 638 -16.14 19.17 2.54
CA ASP B 638 -15.62 20.02 3.60
C ASP B 638 -15.48 21.46 3.11
N SER B 639 -15.92 22.41 3.94
CA SER B 639 -15.94 23.80 3.51
C SER B 639 -14.53 24.35 3.33
N GLU B 640 -13.56 23.91 4.14
CA GLU B 640 -12.20 24.42 4.01
C GLU B 640 -11.55 24.02 2.70
N LEU B 641 -12.06 22.97 2.05
CA LEU B 641 -11.49 22.55 0.77
C LEU B 641 -11.77 23.55 -0.34
N PHE B 642 -12.86 24.30 -0.24
CA PHE B 642 -13.21 25.26 -1.28
C PHE B 642 -12.34 26.51 -1.26
N GLU B 643 -11.61 26.74 -0.17
CA GLU B 643 -10.87 27.99 0.00
C GLU B 643 -9.42 27.80 0.42
N LEU B 644 -9.04 26.63 0.91
CA LEU B 644 -7.67 26.42 1.38
C LEU B 644 -6.70 26.46 0.21
N ASP B 645 -5.42 26.64 0.54
CA ASP B 645 -4.37 26.65 -0.46
C ASP B 645 -3.89 25.22 -0.71
N TYR B 646 -3.64 24.92 -1.99
CA TYR B 646 -3.17 23.60 -2.40
C TYR B 646 -1.80 23.62 -3.04
N CYS B 647 -1.27 24.80 -3.39
CA CYS B 647 0.08 24.91 -3.93
C CYS B 647 1.09 24.96 -2.79
N LEU B 648 1.03 24.00 -1.87
CA LEU B 648 1.90 23.96 -0.71
C LEU B 648 2.34 22.53 -0.43
N LYS B 649 3.65 22.34 -0.30
CA LYS B 649 4.22 21.02 -0.01
C LYS B 649 3.77 20.00 -1.05
N GLY B 650 4.17 20.24 -2.29
CA GLY B 650 3.84 19.36 -3.39
C GLY B 650 2.48 19.69 -3.99
N LEU B 651 2.20 19.05 -5.12
CA LEU B 651 0.95 19.26 -5.84
C LEU B 651 0.01 18.06 -5.79
N LYS B 652 0.35 17.03 -5.01
CA LYS B 652 -0.52 15.87 -4.88
C LYS B 652 -1.53 16.04 -3.77
N LEU B 653 -2.75 15.55 -4.01
CA LEU B 653 -3.90 15.66 -3.12
C LEU B 653 -4.03 14.42 -2.23
N PRO B 654 -4.56 14.59 -1.01
CA PRO B 654 -4.81 13.43 -0.15
C PRO B 654 -5.76 12.45 -0.81
N SER B 655 -5.95 11.30 -0.14
CA SER B 655 -6.79 10.24 -0.69
C SER B 655 -8.26 10.63 -0.79
N ARG B 656 -8.63 11.86 -0.44
CA ARG B 656 -10.01 12.30 -0.57
C ARG B 656 -10.37 12.56 -2.02
N PRO B 770 -33.94 9.14 1.02
CA PRO B 770 -34.74 8.00 0.53
C PRO B 770 -34.37 6.70 1.24
N PHE B 771 -35.28 5.73 1.17
CA PHE B 771 -35.10 4.44 1.83
C PHE B 771 -35.25 3.33 0.81
N GLU B 772 -34.97 2.11 1.24
CA GLU B 772 -35.13 0.94 0.39
C GLU B 772 -35.10 -0.31 1.25
N LYS B 773 -35.99 -1.24 0.95
CA LYS B 773 -36.05 -2.51 1.64
C LYS B 773 -35.15 -3.52 0.92
N VAL B 774 -34.53 -4.39 1.71
CA VAL B 774 -33.69 -5.47 1.18
C VAL B 774 -34.16 -6.76 1.83
N VAL B 775 -34.60 -7.72 1.01
CA VAL B 775 -35.20 -8.95 1.49
C VAL B 775 -34.26 -10.10 1.18
N ASN B 776 -33.77 -10.76 2.23
CA ASN B 776 -32.94 -11.96 2.11
C ASN B 776 -31.73 -11.72 1.21
N LYS B 777 -30.95 -10.70 1.56
CA LYS B 777 -29.77 -10.35 0.79
C LYS B 777 -28.89 -9.43 1.65
N GLU B 778 -27.59 -9.72 1.67
CA GLU B 778 -26.62 -8.92 2.41
C GLU B 778 -25.91 -7.89 1.55
N SER B 779 -26.38 -7.67 0.32
CA SER B 779 -25.76 -6.69 -0.57
C SER B 779 -26.85 -5.91 -1.28
N LEU B 780 -26.46 -4.78 -1.87
CA LEU B 780 -27.39 -3.96 -2.63
C LEU B 780 -26.62 -3.02 -3.54
N VAL B 781 -27.05 -2.93 -4.79
CA VAL B 781 -26.50 -1.99 -5.76
C VAL B 781 -27.39 -0.76 -5.79
N ILE B 782 -26.78 0.42 -5.74
CA ILE B 782 -27.52 1.68 -5.68
C ILE B 782 -27.20 2.47 -6.93
N SER B 783 -28.22 2.78 -7.72
CA SER B 783 -28.08 3.49 -8.99
C SER B 783 -28.61 4.92 -8.85
N GLY B 784 -28.51 5.65 -9.97
CA GLY B 784 -28.99 7.03 -10.01
C GLY B 784 -28.21 7.96 -9.10
N LEU B 785 -26.89 7.83 -9.07
CA LEU B 785 -26.03 8.58 -8.18
C LEU B 785 -25.15 9.55 -8.95
N ARG B 786 -24.65 10.54 -8.22
CA ARG B 786 -23.76 11.56 -8.77
C ARG B 786 -22.32 11.09 -8.65
N HIS B 787 -21.56 11.26 -9.73
CA HIS B 787 -20.25 10.64 -9.81
C HIS B 787 -19.28 11.26 -8.82
N PHE B 788 -18.58 10.41 -8.09
CA PHE B 788 -17.56 10.77 -7.11
C PHE B 788 -18.14 11.51 -5.91
N THR B 789 -19.44 11.73 -5.87
CA THR B 789 -20.05 12.46 -4.76
C THR B 789 -20.12 11.58 -3.51
N GLY B 790 -19.59 12.09 -2.40
CA GLY B 790 -19.65 11.37 -1.14
C GLY B 790 -21.09 11.15 -0.70
N TYR B 791 -21.42 9.94 -0.29
CA TYR B 791 -22.76 9.59 0.15
C TYR B 791 -22.70 8.99 1.55
N ARG B 792 -23.36 9.62 2.52
CA ARG B 792 -23.47 9.07 3.86
C ARG B 792 -24.62 8.08 3.91
N ILE B 793 -24.31 6.83 4.21
CA ILE B 793 -25.29 5.75 4.15
C ILE B 793 -25.75 5.40 5.56
N GLU B 794 -27.03 5.11 5.70
CA GLU B 794 -27.64 4.65 6.94
C GLU B 794 -28.30 3.30 6.69
N LEU B 795 -27.88 2.30 7.46
CA LEU B 795 -28.34 0.92 7.28
C LEU B 795 -28.84 0.38 8.61
N GLN B 796 -30.04 -0.20 8.58
CA GLN B 796 -30.65 -0.83 9.76
C GLN B 796 -31.24 -2.17 9.37
N ALA B 797 -31.13 -3.15 10.27
CA ALA B 797 -31.77 -4.44 10.09
C ALA B 797 -33.10 -4.43 10.83
N CYS B 798 -34.15 -4.91 10.15
CA CYS B 798 -35.49 -4.92 10.72
C CYS B 798 -36.06 -6.33 10.73
N ASN B 799 -36.74 -6.65 11.83
CA ASN B 799 -37.25 -7.99 12.10
C ASN B 799 -38.75 -7.94 12.40
N GLN B 800 -39.49 -7.09 11.69
CA GLN B 800 -40.93 -7.04 11.87
C GLN B 800 -41.57 -6.39 10.64
N ASP B 801 -42.87 -6.63 10.49
CA ASP B 801 -43.59 -6.15 9.32
C ASP B 801 -43.71 -4.63 9.33
N THR B 802 -44.21 -4.08 8.22
CA THR B 802 -44.36 -2.63 8.11
C THR B 802 -45.37 -2.07 9.10
N PRO B 803 -46.55 -2.65 9.29
CA PRO B 803 -47.49 -2.09 10.28
C PRO B 803 -46.93 -2.10 11.70
N GLU B 804 -46.00 -2.99 12.00
CA GLU B 804 -45.33 -3.04 13.29
C GLU B 804 -43.83 -2.81 13.10
N GLU B 805 -43.48 -1.83 12.27
CA GLU B 805 -42.08 -1.63 11.90
C GLU B 805 -41.29 -1.01 13.03
N ARG B 806 -40.76 -1.85 13.92
CA ARG B 806 -39.77 -1.44 14.90
C ARG B 806 -38.51 -2.23 14.65
N CYS B 807 -37.36 -1.56 14.67
CA CYS B 807 -36.12 -2.28 14.42
C CYS B 807 -34.94 -1.42 14.90
N SER B 808 -33.74 -1.83 14.50
CA SER B 808 -32.51 -1.44 15.18
C SER B 808 -32.22 0.04 14.98
N VAL B 809 -31.15 0.49 15.66
CA VAL B 809 -30.68 1.87 15.57
C VAL B 809 -30.01 2.09 14.21
N ALA B 810 -29.75 3.36 13.90
CA ALA B 810 -29.19 3.74 12.61
C ALA B 810 -27.67 3.62 12.62
N ALA B 811 -27.16 2.72 11.78
CA ALA B 811 -25.74 2.65 11.47
C ALA B 811 -25.39 3.72 10.44
N TYR B 812 -24.09 3.99 10.31
CA TYR B 812 -23.63 5.05 9.42
C TYR B 812 -22.29 4.69 8.79
N VAL B 813 -22.21 4.89 7.47
CA VAL B 813 -20.96 4.73 6.73
C VAL B 813 -20.98 5.67 5.53
N SER B 814 -19.80 6.10 5.09
CA SER B 814 -19.65 7.01 3.96
C SER B 814 -19.31 6.24 2.69
N ALA B 815 -19.99 6.61 1.60
CA ALA B 815 -19.78 6.03 0.29
C ALA B 815 -19.36 7.09 -0.71
N ARG B 816 -18.75 6.64 -1.81
CA ARG B 816 -18.28 7.55 -2.85
C ARG B 816 -18.32 6.82 -4.18
N THR B 817 -18.94 7.45 -5.18
CA THR B 817 -19.03 6.89 -6.52
C THR B 817 -17.71 7.02 -7.26
N MET B 818 -17.72 6.58 -8.55
CA MET B 818 -16.50 6.66 -9.35
C MET B 818 -16.43 8.00 -10.07
N PRO B 819 -15.21 8.50 -10.33
CA PRO B 819 -15.08 9.71 -11.14
C PRO B 819 -15.32 9.39 -12.61
N GLU B 820 -15.39 10.45 -13.40
CA GLU B 820 -15.63 10.34 -14.84
C GLU B 820 -14.39 10.82 -15.59
N ALA B 821 -14.34 10.47 -16.87
CA ALA B 821 -13.19 10.85 -17.69
C ALA B 821 -13.22 12.35 -17.99
N LYS B 822 -14.27 12.83 -18.64
CA LYS B 822 -14.37 14.22 -19.05
C LYS B 822 -14.96 15.13 -17.97
N ALA B 823 -15.28 14.59 -16.79
CA ALA B 823 -15.85 15.43 -15.75
C ALA B 823 -14.85 16.49 -15.28
N ASP B 824 -13.58 16.12 -15.16
CA ASP B 824 -12.54 17.06 -14.80
C ASP B 824 -11.87 17.69 -16.02
N ASP B 825 -12.20 17.22 -17.22
CA ASP B 825 -11.63 17.77 -18.45
C ASP B 825 -12.17 19.18 -18.67
N ILE B 826 -11.29 20.18 -18.57
CA ILE B 826 -11.72 21.56 -18.76
C ILE B 826 -12.33 21.70 -20.14
N VAL B 827 -13.53 22.26 -20.19
CA VAL B 827 -14.28 22.43 -21.42
C VAL B 827 -14.04 23.82 -21.97
N GLY B 828 -14.28 23.99 -23.26
CA GLY B 828 -14.16 25.28 -23.90
C GLY B 828 -12.71 25.67 -24.10
N PRO B 829 -12.44 26.50 -25.09
CA PRO B 829 -11.07 26.96 -25.31
C PRO B 829 -10.68 28.06 -24.33
N VAL B 830 -9.40 28.05 -23.96
CA VAL B 830 -8.88 29.02 -23.01
C VAL B 830 -8.77 30.36 -23.71
N THR B 831 -9.21 31.42 -23.04
CA THR B 831 -9.21 32.76 -23.59
C THR B 831 -8.21 33.64 -22.84
N HIS B 832 -7.68 34.63 -23.54
CA HIS B 832 -6.63 35.50 -23.03
C HIS B 832 -7.05 36.96 -23.18
N GLU B 833 -6.36 37.82 -22.44
CA GLU B 833 -6.60 39.25 -22.47
C GLU B 833 -5.32 39.99 -22.86
N ILE B 834 -5.47 41.03 -23.67
CA ILE B 834 -4.36 41.85 -24.15
C ILE B 834 -4.23 43.06 -23.25
N PHE B 835 -3.00 43.37 -22.85
CA PHE B 835 -2.72 44.57 -22.08
C PHE B 835 -1.46 45.23 -22.63
N GLU B 836 -1.33 46.53 -22.36
CA GLU B 836 -0.19 47.27 -22.91
C GLU B 836 1.11 46.94 -22.16
N ASN B 837 1.00 46.59 -20.88
CA ASN B 837 2.16 46.31 -20.04
C ASN B 837 2.62 44.85 -20.08
N ASN B 838 2.30 44.12 -21.15
CA ASN B 838 2.71 42.73 -21.30
C ASN B 838 2.22 41.88 -20.12
N VAL B 839 1.10 42.25 -19.55
CA VAL B 839 0.42 41.45 -18.53
C VAL B 839 -0.78 40.78 -19.18
N VAL B 840 -0.85 39.46 -19.08
CA VAL B 840 -1.92 38.71 -19.72
C VAL B 840 -2.77 38.05 -18.65
N HIS B 841 -4.09 38.05 -18.87
CA HIS B 841 -5.04 37.40 -17.98
C HIS B 841 -5.70 36.26 -18.75
N LEU B 842 -5.69 35.07 -18.15
CA LEU B 842 -6.17 33.86 -18.81
C LEU B 842 -7.49 33.42 -18.19
N MET B 843 -8.40 32.98 -19.04
CA MET B 843 -9.72 32.53 -18.62
C MET B 843 -10.04 31.20 -19.30
N TRP B 844 -10.60 30.27 -18.54
CA TRP B 844 -11.01 28.98 -19.07
C TRP B 844 -12.23 28.51 -18.29
N GLN B 845 -13.17 27.89 -19.00
CA GLN B 845 -14.43 27.49 -18.39
C GLN B 845 -14.26 26.10 -17.77
N GLU B 846 -14.55 26.00 -16.48
CA GLU B 846 -14.51 24.73 -15.78
C GLU B 846 -15.86 24.02 -15.90
N PRO B 847 -15.88 22.69 -15.97
CA PRO B 847 -17.16 21.99 -16.01
C PRO B 847 -17.95 22.21 -14.73
N LYS B 848 -19.27 22.31 -14.89
CA LYS B 848 -20.13 22.61 -13.75
C LYS B 848 -20.21 21.45 -12.77
N GLU B 849 -19.71 20.27 -13.14
CA GLU B 849 -19.84 19.06 -12.33
C GLU B 849 -18.49 18.37 -12.26
N PRO B 850 -17.65 18.73 -11.31
CA PRO B 850 -16.38 18.02 -11.12
C PRO B 850 -16.55 16.78 -10.26
N ASN B 851 -15.56 15.88 -10.36
CA ASN B 851 -15.54 14.69 -9.53
C ASN B 851 -15.15 15.08 -8.11
N GLY B 852 -16.14 15.48 -7.31
CA GLY B 852 -15.87 16.06 -6.02
C GLY B 852 -15.85 17.58 -6.13
N LEU B 853 -14.66 18.15 -6.22
CA LEU B 853 -14.54 19.59 -6.46
C LEU B 853 -13.15 19.88 -6.98
N ILE B 854 -13.06 20.84 -7.90
CA ILE B 854 -11.77 21.27 -8.43
C ILE B 854 -11.02 22.03 -7.33
N VAL B 855 -9.77 21.62 -7.09
CA VAL B 855 -9.00 22.17 -5.99
C VAL B 855 -7.93 23.15 -6.46
N LEU B 856 -7.46 23.03 -7.69
CA LEU B 856 -6.40 23.89 -8.21
C LEU B 856 -6.39 23.74 -9.73
N TYR B 857 -5.51 24.50 -10.36
CA TYR B 857 -5.33 24.44 -11.80
C TYR B 857 -3.83 24.46 -12.09
N GLU B 858 -3.33 23.40 -12.73
CA GLU B 858 -1.94 23.32 -13.14
C GLU B 858 -1.82 23.99 -14.51
N VAL B 859 -1.22 25.17 -14.54
CA VAL B 859 -1.10 25.98 -15.75
C VAL B 859 0.32 25.86 -16.26
N SER B 860 0.47 25.53 -17.54
CA SER B 860 1.76 25.43 -18.21
C SER B 860 1.69 26.21 -19.51
N TYR B 861 2.60 27.17 -19.67
CA TYR B 861 2.62 28.00 -20.86
C TYR B 861 4.06 28.09 -21.38
N ARG B 862 4.18 28.47 -22.65
CA ARG B 862 5.49 28.56 -23.27
C ARG B 862 5.44 29.31 -24.59
N ARG B 863 6.34 30.27 -24.76
CA ARG B 863 6.46 30.97 -26.03
C ARG B 863 7.15 30.08 -27.06
N TYR B 864 6.90 30.37 -28.34
CA TYR B 864 7.48 29.58 -29.41
C TYR B 864 9.00 29.62 -29.35
N GLY B 865 9.62 28.45 -29.23
CA GLY B 865 11.07 28.33 -29.12
C GLY B 865 11.61 28.42 -27.71
N ASP B 866 10.79 28.81 -26.74
CA ASP B 866 11.26 28.97 -25.37
C ASP B 866 11.09 27.67 -24.60
N GLU B 867 11.26 27.73 -23.28
CA GLU B 867 11.19 26.56 -22.41
C GLU B 867 9.87 26.55 -21.64
N GLU B 868 9.36 25.35 -21.40
CA GLU B 868 8.06 25.19 -20.76
C GLU B 868 8.12 25.66 -19.30
N LEU B 869 7.18 26.53 -18.94
CA LEU B 869 7.04 27.04 -17.58
C LEU B 869 5.85 26.38 -16.91
N HIS B 870 5.95 26.21 -15.59
CA HIS B 870 4.93 25.52 -14.81
C HIS B 870 4.43 26.43 -13.70
N LEU B 871 3.11 26.49 -13.55
CA LEU B 871 2.45 27.33 -12.57
C LEU B 871 1.49 26.50 -11.74
N CYS B 872 1.09 27.06 -10.59
CA CYS B 872 0.11 26.44 -9.72
C CYS B 872 -0.89 27.51 -9.28
N VAL B 873 -2.18 27.25 -9.49
CA VAL B 873 -3.24 28.19 -9.17
C VAL B 873 -4.10 27.58 -8.08
N SER B 874 -4.10 28.20 -6.90
CA SER B 874 -4.87 27.71 -5.77
C SER B 874 -6.34 28.11 -5.88
N ARG B 875 -7.12 27.74 -4.86
CA ARG B 875 -8.55 28.05 -4.87
C ARG B 875 -8.78 29.56 -4.85
N LYS B 876 -8.06 30.28 -4.00
CA LYS B 876 -8.30 31.71 -3.86
C LYS B 876 -7.94 32.46 -5.13
N HIS B 877 -6.90 32.01 -5.84
CA HIS B 877 -6.40 32.75 -7.00
C HIS B 877 -7.49 32.93 -8.05
N PHE B 878 -7.97 31.82 -8.61
CA PHE B 878 -9.05 31.91 -9.59
C PHE B 878 -10.39 32.23 -8.95
N ALA B 879 -10.45 32.32 -7.61
CA ALA B 879 -11.65 32.82 -6.96
C ALA B 879 -11.76 34.33 -7.09
N LEU B 880 -10.63 35.03 -7.19
CA LEU B 880 -10.60 36.47 -7.40
C LEU B 880 -10.36 36.84 -8.85
N GLU B 881 -9.29 36.30 -9.45
CA GLU B 881 -8.95 36.62 -10.83
C GLU B 881 -9.81 35.86 -11.83
N ARG B 882 -10.70 34.97 -11.37
CA ARG B 882 -11.48 34.12 -12.26
C ARG B 882 -10.59 33.31 -13.19
N GLY B 883 -9.38 33.01 -12.74
CA GLY B 883 -8.39 32.33 -13.52
C GLY B 883 -6.99 32.64 -13.02
N CYS B 884 -6.09 33.01 -13.94
CA CYS B 884 -4.74 33.40 -13.56
C CYS B 884 -4.31 34.54 -14.47
N ARG B 885 -3.49 35.44 -13.91
CA ARG B 885 -2.97 36.59 -14.63
C ARG B 885 -1.45 36.54 -14.57
N LEU B 886 -0.81 36.70 -15.73
CA LEU B 886 0.63 36.64 -15.86
C LEU B 886 1.17 38.01 -16.25
N ARG B 887 2.30 38.39 -15.65
CA ARG B 887 2.91 39.70 -15.84
C ARG B 887 4.31 39.55 -16.40
N GLY B 888 4.74 40.55 -17.15
CA GLY B 888 6.08 40.58 -17.68
C GLY B 888 6.36 39.47 -18.68
N LEU B 889 5.61 39.44 -19.77
CA LEU B 889 5.75 38.42 -20.80
C LEU B 889 6.59 38.97 -21.95
N SER B 890 7.26 38.05 -22.65
CA SER B 890 7.99 38.47 -23.84
C SER B 890 7.06 38.47 -25.05
N PRO B 891 7.14 39.48 -25.93
CA PRO B 891 6.21 39.52 -27.07
C PRO B 891 6.39 38.32 -27.98
N GLY B 892 5.27 37.78 -28.46
CA GLY B 892 5.28 36.60 -29.29
C GLY B 892 4.12 35.65 -29.01
N ASN B 893 4.02 34.58 -29.80
CA ASN B 893 2.94 33.62 -29.68
C ASN B 893 3.31 32.51 -28.71
N TYR B 894 2.38 32.17 -27.83
CA TYR B 894 2.61 31.22 -26.75
C TYR B 894 1.85 29.92 -26.98
N SER B 895 2.23 28.89 -26.23
CA SER B 895 1.59 27.58 -26.25
C SER B 895 1.29 27.18 -24.82
N VAL B 896 0.01 27.10 -24.48
CA VAL B 896 -0.44 26.93 -23.10
C VAL B 896 -1.18 25.61 -22.96
N ARG B 897 -0.99 24.96 -21.81
CA ARG B 897 -1.74 23.77 -21.45
C ARG B 897 -2.15 23.89 -19.99
N ILE B 898 -3.30 23.31 -19.67
CA ILE B 898 -3.85 23.32 -18.32
C ILE B 898 -4.29 21.92 -17.96
N ARG B 899 -4.19 21.59 -16.67
CA ARG B 899 -4.73 20.34 -16.15
C ARG B 899 -5.33 20.62 -14.78
N ALA B 900 -6.63 20.43 -14.66
CA ALA B 900 -7.32 20.69 -13.41
C ALA B 900 -7.33 19.42 -12.57
N THR B 901 -6.87 19.55 -11.32
CA THR B 901 -6.84 18.44 -10.38
C THR B 901 -8.02 18.60 -9.43
N SER B 902 -8.80 17.54 -9.27
CA SER B 902 -9.92 17.52 -8.35
C SER B 902 -9.68 16.47 -7.27
N LEU B 903 -10.69 16.24 -6.44
CA LEU B 903 -10.59 15.22 -5.42
C LEU B 903 -10.33 13.84 -6.00
N ALA B 904 -10.55 13.67 -7.30
CA ALA B 904 -10.34 12.40 -8.00
C ALA B 904 -9.00 12.39 -8.74
N GLY B 905 -7.97 13.00 -8.16
CA GLY B 905 -6.66 13.05 -8.77
C GLY B 905 -6.59 14.06 -9.90
N ASN B 906 -5.46 14.02 -10.61
CA ASN B 906 -5.25 14.95 -11.71
C ASN B 906 -6.19 14.63 -12.86
N GLY B 907 -6.73 15.67 -13.48
CA GLY B 907 -7.58 15.52 -14.64
C GLY B 907 -6.78 15.34 -15.91
N SER B 908 -7.34 15.82 -17.01
CA SER B 908 -6.71 15.73 -18.32
C SER B 908 -6.02 17.04 -18.66
N TRP B 909 -5.05 16.95 -19.57
CA TRP B 909 -4.35 18.12 -20.07
C TRP B 909 -5.13 18.73 -21.23
N THR B 910 -5.36 20.04 -21.16
CA THR B 910 -6.03 20.73 -22.25
C THR B 910 -5.14 20.76 -23.48
N GLU B 911 -5.78 20.70 -24.64
CA GLU B 911 -5.06 20.76 -25.90
C GLU B 911 -4.22 22.04 -25.95
N PRO B 912 -2.96 21.96 -26.40
CA PRO B 912 -2.12 23.16 -26.41
C PRO B 912 -2.75 24.32 -27.16
N THR B 913 -3.11 25.38 -26.45
CA THR B 913 -3.74 26.54 -27.04
C THR B 913 -2.69 27.60 -27.35
N TYR B 914 -2.96 28.42 -28.36
CA TYR B 914 -2.03 29.44 -28.80
C TYR B 914 -2.77 30.76 -28.97
N PHE B 915 -2.17 31.83 -28.48
CA PHE B 915 -2.71 33.17 -28.59
C PHE B 915 -1.67 34.12 -29.17
N TYR B 916 -2.14 35.24 -29.68
CA TYR B 916 -1.29 36.26 -30.27
C TYR B 916 -1.40 37.54 -29.45
N VAL B 917 -0.26 38.17 -29.22
CA VAL B 917 -0.17 39.45 -28.54
C VAL B 917 0.51 40.43 -29.49
N THR B 918 -0.07 41.63 -29.63
CA THR B 918 0.52 42.63 -30.50
C THR B 918 1.92 42.94 -30.00
N ASP B 919 2.90 42.78 -30.88
CA ASP B 919 4.29 43.00 -30.51
C ASP B 919 4.67 44.46 -30.43
N TYR B 920 3.73 45.38 -30.69
CA TYR B 920 3.98 46.81 -30.59
C TYR B 920 5.07 47.27 -31.56
N LEU B 921 5.33 46.50 -32.61
CA LEU B 921 6.33 46.83 -33.61
C LEU B 921 5.75 46.99 -35.01
N ASP B 922 4.76 46.19 -35.38
CA ASP B 922 4.16 46.27 -36.70
C ASP B 922 3.04 47.32 -36.74
C1 NAG C . 18.60 11.52 29.09
C2 NAG C . 18.99 10.36 30.02
C3 NAG C . 19.82 10.86 31.20
C4 NAG C . 21.01 11.66 30.71
C5 NAG C . 20.52 12.80 29.80
C6 NAG C . 21.65 13.60 29.19
C7 NAG C . 16.83 10.22 31.19
C8 NAG C . 15.71 9.32 31.60
N2 NAG C . 17.81 9.63 30.49
O3 NAG C . 20.26 9.75 31.97
O4 NAG C . 21.73 12.22 31.80
O5 NAG C . 19.78 12.24 28.71
O6 NAG C . 21.27 14.13 27.93
O7 NAG C . 16.86 11.42 31.48
H2 NAG C . 19.55 9.73 29.51
H3 NAG C . 19.26 11.44 31.76
H4 NAG C . 21.60 11.08 30.19
H5 NAG C . 19.94 13.39 30.31
H61 NAG C . 22.43 13.02 29.08
H62 NAG C . 21.87 14.33 29.79
H81 NAG C . 15.04 9.84 32.10
H82 NAG C . 16.04 8.61 32.16
H83 NAG C . 15.29 8.95 30.80
HN2 NAG C . 17.74 8.75 30.31
HO3 NAG C . 20.63 9.15 31.43
HO6 NAG C . 20.47 13.81 27.69
C1 NAG C . 22.65 11.23 32.04
C2 NAG C . 24.07 11.55 32.47
C3 NAG C . 25.00 10.39 32.11
C4 NAG C . 24.47 9.09 32.69
C5 NAG C . 23.02 8.87 32.27
C6 NAG C . 22.39 7.65 32.91
C7 NAG C . 24.28 13.99 32.35
C8 NAG C . 24.83 15.15 31.59
N2 NAG C . 24.54 12.77 31.85
O3 NAG C . 26.30 10.65 32.61
O4 NAG C . 25.26 7.99 32.23
O5 NAG C . 22.23 10.00 32.65
O6 NAG C . 22.04 6.68 31.95
O7 NAG C . 23.63 14.13 33.38
H2 NAG C . 24.09 11.65 33.43
H3 NAG C . 25.04 10.31 31.14
H4 NAG C . 24.51 9.13 33.66
H5 NAG C . 22.99 8.77 31.29
H61 NAG C . 21.60 7.93 33.40
H62 NAG C . 23.03 7.27 33.54
H81 NAG C . 24.59 15.98 32.04
H82 NAG C . 24.46 15.15 30.69
H83 NAG C . 25.80 15.07 31.54
HN2 NAG C . 25.03 12.72 31.08
HO3 NAG C . 26.86 10.02 32.33
HO4 NAG C . 25.28 7.35 32.85
HO6 NAG C . 21.83 5.92 32.36
C1 NAG D . -11.86 -15.14 -7.64
C2 NAG D . -13.07 -14.24 -7.54
C3 NAG D . -14.19 -14.94 -6.78
C4 NAG D . -14.51 -16.28 -7.46
C5 NAG D . -13.24 -17.12 -7.61
C6 NAG D . -13.48 -18.37 -8.42
C7 NAG D . -12.51 -11.85 -7.58
C8 NAG D . -12.21 -10.63 -6.76
N2 NAG D . -12.75 -12.97 -6.89
O3 NAG D . -15.35 -14.12 -6.75
O4 NAG D . -15.47 -16.99 -6.70
O5 NAG D . -12.23 -16.37 -8.29
O6 NAG D . -14.07 -18.08 -9.66
O7 NAG D . -12.55 -11.81 -8.80
H2 NAG D . -13.39 -14.04 -8.43
H3 NAG D . -13.90 -15.13 -5.87
H4 NAG D . -14.88 -16.09 -8.34
H5 NAG D . -12.93 -17.36 -6.72
H61 NAG D . -14.07 -18.97 -7.91
H62 NAG D . -12.62 -18.82 -8.56
H81 NAG D . -12.06 -9.87 -7.35
H82 NAG D . -11.42 -10.81 -6.22
H83 NAG D . -12.97 -10.44 -6.17
HN2 NAG D . -12.72 -12.94 -5.98
HO3 NAG D . -15.93 -14.46 -6.16
HO6 NAG D . -13.93 -17.23 -9.87
C1 NAG D . -16.55 -17.49 -6.02
C2 NAG D . -18.04 -17.59 -5.68
C3 NAG D . -18.22 -18.25 -4.32
C4 NAG D . -17.50 -19.59 -4.28
C5 NAG D . -16.04 -19.41 -4.69
C6 NAG D . -15.28 -20.72 -4.79
C7 NAG D . -19.00 -15.65 -6.82
C8 NAG D . -19.65 -14.31 -6.65
N2 NAG D . -18.67 -16.28 -5.69
O3 NAG D . -19.61 -18.45 -4.06
O4 NAG D . -17.54 -20.14 -2.96
O5 NAG D . -15.97 -18.79 -5.98
O6 NAG D . -16.16 -21.80 -5.01
O7 NAG D . -18.79 -16.14 -7.92
H2 NAG D . -18.47 -18.15 -6.35
H3 NAG D . -17.85 -17.68 -3.62
H4 NAG D . -17.93 -20.20 -4.90
H5 NAG D . -15.59 -18.83 -4.03
H61 NAG D . -14.79 -20.86 -3.96
H62 NAG D . -14.65 -20.66 -5.53
H81 NAG D . -19.85 -13.94 -7.54
H82 NAG D . -19.04 -13.71 -6.18
H83 NAG D . -20.47 -14.40 -6.14
HN2 NAG D . -18.84 -15.87 -4.90
HO3 NAG D . -19.71 -18.94 -3.32
HO6 NAG D . -15.85 -22.52 -4.59
C1 BMA D . -17.62 -21.30 -2.23
C2 BMA D . -17.43 -22.37 -1.13
C3 BMA D . -18.60 -23.34 -1.14
C4 BMA D . -19.94 -22.60 -1.15
C5 BMA D . -19.98 -21.64 -2.35
C6 BMA D . -21.28 -20.84 -2.43
O2 BMA D . -17.40 -21.77 0.15
O3 BMA D . -18.55 -24.22 -0.02
O4 BMA D . -21.02 -23.53 -1.27
O5 BMA D . -18.91 -20.71 -2.18
O6 BMA D . -22.36 -21.76 -2.30
H2 BMA D . -16.49 -22.91 -1.33
H3 BMA D . -18.56 -23.98 -2.03
H4 BMA D . -20.02 -22.01 -0.23
H5 BMA D . -19.86 -22.20 -3.29
H61 BMA D . -21.31 -20.31 -3.40
H62 BMA D . -21.26 -20.10 -1.63
HO2 BMA D . -17.84 -22.39 0.75
HO3 BMA D . -19.16 -24.94 -0.23
HO4 BMA D . -21.82 -23.01 -1.08
HO6 BMA D . -23.17 -21.24 -2.21
C1 NAG E . -1.34 -12.84 -18.85
C2 NAG E . -1.12 -11.33 -18.92
C3 NAG E . -0.19 -10.98 -20.07
C4 NAG E . 1.10 -11.78 -19.97
C5 NAG E . 0.80 -13.27 -19.85
C6 NAG E . 2.03 -14.10 -19.60
C7 NAG E . -2.71 -9.57 -18.29
C8 NAG E . -4.06 -8.95 -18.56
N2 NAG E . -2.39 -10.62 -19.04
O3 NAG E . 0.09 -9.59 -20.05
O4 NAG E . 1.91 -11.56 -21.13
O5 NAG E . -0.09 -13.50 -18.74
O6 NAG E . 1.98 -14.72 -18.32
O7 NAG E . -1.96 -9.11 -17.44
H2 NAG E . -0.69 -11.05 -18.09
H3 NAG E . -0.63 -11.20 -20.92
H4 NAG E . 1.59 -11.49 -19.18
H5 NAG E . 0.37 -13.57 -20.67
H61 NAG E . 2.82 -13.52 -19.64
H62 NAG E . 2.10 -14.78 -20.29
H81 NAG E . -4.20 -8.21 -17.96
H82 NAG E . -4.75 -9.62 -18.42
H83 NAG E . -4.09 -8.65 -19.48
HN2 NAG E . -2.99 -10.91 -19.67
HO3 NAG E . 0.16 -9.27 -20.88
HO6 NAG E . 1.51 -14.21 -17.76
C1 NAG E . 3.13 -10.99 -20.91
C2 NAG E . 3.99 -11.89 -21.80
C3 NAG E . 4.81 -11.04 -22.76
C4 NAG E . 3.90 -10.10 -23.55
C5 NAG E . 3.05 -9.28 -22.59
C6 NAG E . 2.03 -8.41 -23.29
C7 NAG E . 4.96 -14.06 -21.20
C8 NAG E . 5.89 -14.79 -20.28
N2 NAG E . 4.85 -12.74 -21.00
O3 NAG E . 5.51 -11.90 -23.66
O4 NAG E . 4.70 -9.22 -24.34
O5 NAG E . 2.31 -10.16 -21.72
O6 NAG E . 1.04 -7.94 -22.39
O7 NAG E . 4.33 -14.64 -22.08
H2 NAG E . 3.39 -12.45 -22.33
H3 NAG E . 5.45 -10.52 -22.25
H4 NAG E . 3.32 -10.62 -24.13
H5 NAG E . 3.63 -8.71 -22.05
H61 NAG E . 1.60 -8.94 -24.00
H62 NAG E . 2.48 -7.66 -23.70
H81 NAG E . 5.90 -15.73 -20.51
H82 NAG E . 5.60 -14.68 -19.35
H83 NAG E . 6.79 -14.43 -20.37
HN2 NAG E . 5.34 -12.36 -20.33
HO3 NAG E . 6.14 -11.44 -24.08
HO4 NAG E . 4.16 -8.79 -24.91
HO6 NAG E . 0.26 -7.87 -22.83
C1 NAG F . 17.79 -18.77 39.45
C2 NAG F . 18.85 -19.50 40.26
C3 NAG F . 18.39 -19.65 41.71
C4 NAG F . 18.00 -18.29 42.30
C5 NAG F . 16.96 -17.63 41.40
C6 NAG F . 16.63 -16.22 41.85
C7 NAG F . 20.28 -21.04 39.00
C8 NAG F . 20.43 -22.43 38.47
N2 NAG F . 19.15 -20.80 39.69
O3 NAG F . 19.44 -20.22 42.49
O4 NAG F . 17.45 -18.47 43.60
O5 NAG F . 17.46 -17.51 40.06
O6 NAG F . 17.04 -15.26 40.89
O7 NAG F . 21.13 -20.18 38.82
H2 NAG F . 19.66 -18.95 40.27
H3 NAG F . 17.61 -20.24 41.74
H4 NAG F . 18.78 -17.73 42.35
H5 NAG F . 16.14 -18.16 41.40
H61 NAG F . 17.07 -16.04 42.70
H62 NAG F . 15.66 -16.15 41.98
H81 NAG F . 21.28 -22.50 37.99
H82 NAG F . 19.70 -22.63 37.87
H83 NAG F . 20.42 -23.07 39.22
HN2 NAG F . 18.56 -21.47 39.80
HO3 NAG F . 19.48 -19.81 43.27
HO4 NAG F . 17.84 -17.90 44.16
HO6 NAG F . 17.50 -15.67 40.25
C1 NAG G . 19.25 -24.81 5.52
C2 NAG G . 19.84 -25.24 6.87
C3 NAG G . 19.44 -26.66 7.20
C4 NAG G . 17.93 -26.82 7.12
C5 NAG G . 17.42 -26.34 5.77
C6 NAG G . 15.92 -26.36 5.67
C7 NAG G . 22.09 -25.64 5.95
C8 NAG G . 23.56 -25.39 6.11
N2 NAG G . 21.29 -25.09 6.87
O3 NAG G . 19.90 -27.00 8.50
O4 NAG G . 17.57 -28.19 7.29
O5 NAG G . 17.84 -24.98 5.54
O6 NAG G . 15.45 -25.50 4.64
O7 NAG G . 21.64 -26.32 5.02
H2 NAG G . 19.48 -24.65 7.56
H3 NAG G . 19.86 -27.27 6.55
H4 NAG G . 17.52 -26.29 7.83
H5 NAG G . 17.79 -26.91 5.06
H61 NAG G . 15.53 -26.07 6.52
H62 NAG G . 15.61 -27.27 5.49
H81 NAG G . 24.04 -25.84 5.39
H82 NAG G . 23.85 -25.75 6.97
H83 NAG G . 23.73 -24.44 6.07
HN2 NAG G . 21.68 -24.60 7.54
HO3 NAG G . 19.96 -27.88 8.58
HO4 NAG G . 16.70 -28.28 7.23
HO6 NAG G . 15.82 -24.69 4.74
C1 NAG H . 14.75 -28.42 -13.87
C2 NAG H . 15.23 -29.76 -13.30
C3 NAG H . 16.69 -30.01 -13.70
C4 NAG H . 16.86 -29.89 -15.21
C5 NAG H . 16.31 -28.55 -15.69
C6 NAG H . 16.35 -28.42 -17.19
C7 NAG H . 15.36 -30.86 -11.11
C8 NAG H . 15.15 -30.71 -9.63
N2 NAG H . 15.08 -29.78 -11.85
O3 NAG H . 17.08 -31.31 -13.27
O4 NAG H . 18.23 -30.00 -15.55
O5 NAG H . 14.94 -28.41 -15.28
O6 NAG H . 15.39 -29.28 -17.80
O7 NAG H . 15.74 -31.91 -11.61
H2 NAG H . 14.69 -30.47 -13.68
H3 NAG H . 17.25 -29.35 -13.26
H4 NAG H . 16.36 -30.61 -15.63
H5 NAG H . 16.83 -27.83 -15.29
H61 NAG H . 17.24 -28.65 -17.52
H62 NAG H . 16.14 -27.49 -17.43
H81 NAG H . 15.37 -31.55 -9.19
H82 NAG H . 14.22 -30.48 -9.45
H83 NAG H . 15.73 -30.01 -9.30
HN2 NAG H . 14.80 -29.03 -11.43
HO3 NAG H . 16.39 -31.87 -13.35
HO4 NAG H . 18.31 -30.19 -16.41
HO6 NAG H . 15.03 -29.80 -17.19
C1 NAG I . -37.82 -16.63 9.45
C2 NAG I . -38.18 -18.07 9.83
C3 NAG I . -37.93 -19.00 8.65
C4 NAG I . -38.66 -18.49 7.40
C5 NAG I . -38.26 -17.04 7.14
C6 NAG I . -39.03 -16.43 5.99
C7 NAG I . -37.78 -18.20 12.25
C8 NAG I . -36.90 -18.73 13.32
N2 NAG I . -37.43 -18.51 10.99
O3 NAG I . -38.40 -20.30 8.96
O4 NAG I . -38.31 -19.29 6.28
O5 NAG I . -38.54 -16.24 8.29
O6 NAG I . -38.68 -15.05 5.80
O7 NAG I . -38.77 -17.52 12.50
H2 NAG I . -39.14 -18.10 10.04
H3 NAG I . -36.97 -19.03 8.46
H4 NAG I . -39.62 -18.54 7.55
H5 NAG I . -37.31 -17.00 6.94
H61 NAG I . -39.99 -16.49 6.17
H62 NAG I . -38.83 -16.91 5.17
H81 NAG I . -37.24 -18.46 14.20
H82 NAG I . -35.99 -18.39 13.21
H83 NAG I . -36.88 -19.71 13.29
HN2 NAG I . -36.69 -19.02 10.86
HO3 NAG I . -38.61 -20.74 8.23
HO4 NAG I . -38.95 -19.22 5.66
HO6 NAG I . -38.09 -14.82 6.42
C1 NAG J . -20.98 -3.37 -11.13
C2 NAG J . -21.33 -3.50 -12.60
C3 NAG J . -22.78 -3.96 -12.76
C4 NAG J . -23.02 -5.23 -11.98
C5 NAG J . -22.61 -5.05 -10.53
C6 NAG J . -22.71 -6.32 -9.72
C7 NAG J . -20.64 -2.20 -14.57
C8 NAG J . -20.44 -0.84 -15.14
N2 NAG J . -21.10 -2.26 -13.31
O3 NAG J . -23.06 -4.16 -14.14
O4 NAG J . -24.40 -5.59 -12.04
O5 NAG J . -21.24 -4.62 -10.46
O6 NAG J . -22.63 -7.46 -10.55
O7 NAG J . -20.40 -3.22 -15.21
H2 NAG J . -20.76 -4.19 -12.99
H3 NAG J . -23.38 -3.26 -12.43
H4 NAG J . -22.50 -5.95 -12.37
H5 NAG J . -23.18 -4.37 -10.12
H61 NAG J . -23.55 -6.33 -9.24
H62 NAG J . -21.97 -6.34 -9.07
H81 NAG J . -20.12 -0.91 -16.06
H82 NAG J . -19.80 -0.35 -14.61
H83 NAG J . -21.30 -0.36 -15.14
HN2 NAG J . -21.25 -1.47 -12.87
HO3 NAG J . -23.94 -4.24 -14.26
HO4 NAG J . -24.50 -6.41 -11.73
HO6 NAG J . -23.33 -7.99 -10.39
#